data_8ZOJ
#
_entry.id   8ZOJ
#
_cell.length_a   42.769
_cell.length_b   58.212
_cell.length_c   105.076
_cell.angle_alpha   77.85
_cell.angle_beta   81.30
_cell.angle_gamma   68.46
#
_symmetry.space_group_name_H-M   'P 1'
#
loop_
_entity.id
_entity.type
_entity.pdbx_description
1 polymer 'Putative nucleoside transporter YegT'
2 non-polymer '(2R)-2,3-dihydroxypropyl (9Z)-octadec-9-enoate'
#
_entity_poly.entity_id   1
_entity_poly.type   'polypeptide(L)'
_entity_poly.pdbx_seq_one_letter_code
;MKTTAKLSFMMFVEWFIWGAWFVPLWLWLSKSGFSAGEIGWSYACTAIAAILSPILVGSITDRFFSAQKVLAVLMFAGAL
LMYFAAQQTTFAGFFPLLLAYSLTYMPTIALTNSIAFANVPDVERDFPRIRVMGTIGWIASGLACGFLPQILGYADISPT
NIPLLITAGSSALLGVFAFFLPDTPPKSTGKMDIKVMLGLDALILLRDKNFLVFFFCSFLFAMPLAFYYIFANGYLTEVG
MKNATGWMTLGQFSEIFFMLALPFFTARFGIKKVLLLGLVTAAIRYGFFIYGSADEYFTYALLFLGILLHGVSYDFYYVT
AYIYVDKKAPVHMRTAAQGLITLCCQGFGSLLGYRLGGVMMEKMFAYQEPVNGLTFNWSGMWTFGAVMIAIIAVLFMIFF
RESDNEITAIKVDDRDIALTQGEVK
;
_entity_poly.pdbx_strand_id   B,A
#
loop_
_chem_comp.id
_chem_comp.type
_chem_comp.name
_chem_comp.formula
OLC non-polymer '(2R)-2,3-dihydroxypropyl (9Z)-octadec-9-enoate' 'C21 H40 O4'
#
# COMPACT_ATOMS: atom_id res chain seq x y z
N MET A 1 -19.03 -12.42 7.11
CA MET A 1 -17.74 -12.00 7.65
C MET A 1 -17.45 -12.68 8.98
N LYS A 2 -17.64 -14.00 9.02
CA LYS A 2 -17.37 -14.77 10.22
C LYS A 2 -15.86 -14.87 10.47
N THR A 3 -15.48 -14.87 11.75
CA THR A 3 -14.07 -14.77 12.14
C THR A 3 -13.22 -15.87 11.49
N THR A 4 -13.70 -17.11 11.52
CA THR A 4 -12.95 -18.19 10.89
C THR A 4 -12.82 -17.98 9.39
N ALA A 5 -13.93 -17.63 8.72
CA ALA A 5 -13.88 -17.40 7.28
C ALA A 5 -13.03 -16.19 6.90
N LYS A 6 -12.96 -15.19 7.79
CA LYS A 6 -11.97 -14.13 7.68
C LYS A 6 -10.57 -14.73 7.56
N LEU A 7 -10.23 -15.60 8.52
CA LEU A 7 -8.93 -16.28 8.48
C LEU A 7 -8.67 -16.94 7.13
N SER A 8 -9.70 -17.58 6.57
CA SER A 8 -9.50 -18.32 5.33
C SER A 8 -9.19 -17.38 4.16
N PHE A 9 -9.93 -16.27 4.08
CA PHE A 9 -9.62 -15.29 3.05
C PHE A 9 -8.17 -14.81 3.17
N MET A 10 -7.70 -14.55 4.40
CA MET A 10 -6.35 -13.97 4.52
C MET A 10 -5.29 -15.01 4.16
N MET A 11 -5.49 -16.27 4.52
CA MET A 11 -4.59 -17.30 4.05
C MET A 11 -4.54 -17.36 2.51
N PHE A 12 -5.73 -17.39 1.89
CA PHE A 12 -5.83 -17.47 0.44
C PHE A 12 -5.03 -16.36 -0.22
N VAL A 13 -5.26 -15.12 0.22
CA VAL A 13 -4.59 -14.02 -0.44
C VAL A 13 -3.10 -14.06 -0.15
N GLU A 14 -2.72 -14.49 1.05
CA GLU A 14 -1.31 -14.39 1.40
C GLU A 14 -0.50 -15.24 0.43
N TRP A 15 -0.94 -16.46 0.14
CA TRP A 15 -0.13 -17.25 -0.79
C TRP A 15 -0.50 -16.98 -2.25
N PHE A 16 -1.67 -16.38 -2.49
CA PHE A 16 -1.98 -15.82 -3.79
C PHE A 16 -0.88 -14.90 -4.28
N ILE A 17 -0.38 -14.01 -3.41
CA ILE A 17 0.50 -12.97 -3.95
C ILE A 17 1.89 -13.52 -4.27
N TRP A 18 2.45 -14.38 -3.40
CA TRP A 18 3.72 -15.01 -3.76
C TRP A 18 3.59 -15.77 -5.07
N GLY A 19 2.48 -16.52 -5.23
CA GLY A 19 2.29 -17.27 -6.46
C GLY A 19 2.25 -16.38 -7.69
N ALA A 20 1.53 -15.26 -7.62
CA ALA A 20 1.30 -14.47 -8.83
C ALA A 20 2.61 -14.14 -9.54
N TRP A 21 3.69 -13.93 -8.79
CA TRP A 21 4.93 -13.55 -9.45
C TRP A 21 5.96 -14.65 -9.51
N PHE A 22 6.01 -15.55 -8.53
CA PHE A 22 7.09 -16.50 -8.50
C PHE A 22 7.13 -17.38 -9.76
N VAL A 23 5.98 -17.81 -10.23
CA VAL A 23 5.92 -18.77 -11.35
C VAL A 23 6.27 -18.13 -12.69
N PRO A 24 5.68 -16.99 -13.08
CA PRO A 24 5.99 -16.41 -14.39
C PRO A 24 7.35 -15.74 -14.51
N LEU A 25 8.02 -15.44 -13.39
CA LEU A 25 9.12 -14.45 -13.35
C LEU A 25 10.19 -14.69 -14.42
N TRP A 26 10.53 -15.95 -14.65
CA TRP A 26 11.59 -16.27 -15.60
C TRP A 26 11.29 -15.71 -16.99
N LEU A 27 10.05 -15.85 -17.43
CA LEU A 27 9.76 -15.45 -18.80
C LEU A 27 9.92 -13.95 -18.96
N TRP A 28 9.44 -13.17 -18.01
CA TRP A 28 9.60 -11.72 -18.14
C TRP A 28 11.06 -11.32 -18.00
N LEU A 29 11.85 -12.08 -17.27
CA LEU A 29 13.22 -11.62 -17.11
C LEU A 29 14.05 -11.98 -18.31
N SER A 30 13.93 -13.23 -18.79
CA SER A 30 14.68 -13.60 -19.98
C SER A 30 14.28 -12.71 -21.14
N LYS A 31 12.99 -12.42 -21.30
CA LYS A 31 12.61 -11.58 -22.43
C LYS A 31 13.07 -10.14 -22.23
N SER A 32 13.05 -9.61 -21.01
CA SER A 32 13.47 -8.22 -20.86
C SER A 32 15.01 -8.05 -20.80
N GLY A 33 15.79 -9.08 -21.12
CA GLY A 33 17.23 -8.94 -21.28
C GLY A 33 18.06 -9.47 -20.14
N PHE A 34 17.46 -10.16 -19.17
CA PHE A 34 18.29 -10.79 -18.18
C PHE A 34 18.93 -12.03 -18.78
N SER A 35 19.90 -12.56 -18.04
CA SER A 35 20.59 -13.79 -18.42
C SER A 35 20.37 -14.81 -17.32
N ALA A 36 20.67 -16.06 -17.64
CA ALA A 36 20.34 -17.15 -16.72
C ALA A 36 20.87 -16.88 -15.30
N GLY A 37 22.08 -16.32 -15.16
CA GLY A 37 22.66 -16.09 -13.86
C GLY A 37 21.99 -14.96 -13.10
N GLU A 38 21.70 -13.84 -13.80
CA GLU A 38 20.89 -12.78 -13.22
C GLU A 38 19.54 -13.31 -12.72
N ILE A 39 18.89 -14.15 -13.52
CA ILE A 39 17.61 -14.71 -13.11
C ILE A 39 17.78 -15.62 -11.89
N GLY A 40 18.82 -16.46 -11.89
CA GLY A 40 19.10 -17.28 -10.73
C GLY A 40 19.23 -16.48 -9.46
N TRP A 41 19.98 -15.38 -9.51
CA TRP A 41 20.07 -14.49 -8.36
C TRP A 41 18.69 -13.97 -7.99
N SER A 42 17.86 -13.67 -9.00
CA SER A 42 16.51 -13.15 -8.73
C SER A 42 15.67 -14.15 -7.95
N TYR A 43 15.79 -15.42 -8.29
CA TYR A 43 15.04 -16.42 -7.53
C TYR A 43 15.74 -16.76 -6.22
N ALA A 44 17.03 -16.41 -6.12
CA ALA A 44 17.79 -16.60 -4.88
C ALA A 44 17.39 -15.61 -3.82
N CYS A 45 16.97 -14.39 -4.23
CA CYS A 45 16.23 -13.49 -3.34
C CYS A 45 15.29 -14.26 -2.39
N THR A 46 14.49 -15.19 -2.94
CA THR A 46 13.58 -16.02 -2.16
C THR A 46 14.30 -16.74 -1.02
N ALA A 47 15.37 -17.47 -1.34
CA ALA A 47 16.01 -18.31 -0.33
C ALA A 47 16.73 -17.47 0.70
N ILE A 48 17.36 -16.39 0.25
CA ILE A 48 17.98 -15.45 1.17
C ILE A 48 16.96 -14.96 2.18
N ALA A 49 15.80 -14.48 1.69
CA ALA A 49 14.77 -13.97 2.58
C ALA A 49 14.26 -15.06 3.53
N ALA A 50 14.11 -16.28 3.02
CA ALA A 50 13.68 -17.38 3.90
C ALA A 50 14.66 -17.58 5.04
N ILE A 51 15.94 -17.73 4.74
CA ILE A 51 16.90 -18.01 5.80
C ILE A 51 17.09 -16.80 6.71
N LEU A 52 16.91 -15.59 6.19
CA LEU A 52 17.12 -14.39 6.97
C LEU A 52 15.90 -13.99 7.80
N SER A 53 14.70 -14.51 7.50
CA SER A 53 13.58 -13.87 8.16
C SER A 53 13.40 -14.30 9.62
N PRO A 54 13.77 -15.51 10.06
CA PRO A 54 13.65 -15.79 11.51
C PRO A 54 14.22 -14.68 12.38
N ILE A 55 15.36 -14.13 11.97
CA ILE A 55 15.89 -12.90 12.56
C ILE A 55 14.83 -11.81 12.53
N LEU A 56 14.30 -11.56 11.32
CA LEU A 56 13.32 -10.49 11.16
C LEU A 56 12.10 -10.70 12.04
N VAL A 57 11.67 -11.95 12.22
CA VAL A 57 10.47 -12.26 13.01
C VAL A 57 10.79 -12.20 14.50
N GLY A 58 12.05 -12.42 14.88
CA GLY A 58 12.51 -12.00 16.20
C GLY A 58 12.30 -10.52 16.44
N SER A 59 12.77 -9.69 15.52
CA SER A 59 12.45 -8.26 15.55
C SER A 59 10.94 -8.02 15.63
N ILE A 60 10.15 -8.73 14.80
CA ILE A 60 8.82 -8.28 14.37
C ILE A 60 7.70 -8.86 15.23
N THR A 61 7.94 -9.97 15.92
CA THR A 61 7.07 -10.35 17.03
C THR A 61 7.63 -9.97 18.40
N ASP A 62 8.93 -9.71 18.56
CA ASP A 62 9.41 -9.31 19.89
C ASP A 62 8.68 -8.07 20.39
N ARG A 63 8.64 -7.02 19.57
CA ARG A 63 8.12 -5.75 20.02
C ARG A 63 6.60 -5.82 20.16
N PHE A 64 6.01 -4.79 20.79
CA PHE A 64 4.64 -4.89 21.31
C PHE A 64 3.58 -4.94 20.21
N PHE A 65 3.97 -4.71 18.95
CA PHE A 65 3.06 -4.75 17.80
C PHE A 65 2.41 -6.12 17.65
N SER A 66 1.08 -6.15 17.62
CA SER A 66 0.36 -7.40 17.39
C SER A 66 0.29 -7.69 15.89
N ALA A 67 0.20 -8.98 15.54
CA ALA A 67 0.55 -9.42 14.19
C ALA A 67 -0.28 -8.72 13.11
N GLN A 68 -1.58 -8.52 13.35
CA GLN A 68 -2.40 -7.95 12.28
C GLN A 68 -1.97 -6.52 11.95
N LYS A 69 -1.63 -5.72 12.97
CA LYS A 69 -1.12 -4.37 12.75
C LYS A 69 0.17 -4.40 11.94
N VAL A 70 1.05 -5.38 12.22
CA VAL A 70 2.29 -5.52 11.48
C VAL A 70 2.02 -5.88 10.03
N LEU A 71 1.16 -6.89 9.81
CA LEU A 71 0.93 -7.41 8.47
C LEU A 71 0.38 -6.33 7.57
N ALA A 72 -0.49 -5.47 8.08
CA ALA A 72 -0.95 -4.35 7.27
C ALA A 72 0.23 -3.56 6.69
N VAL A 73 1.21 -3.20 7.53
CA VAL A 73 2.27 -2.33 7.00
C VAL A 73 3.34 -3.12 6.26
N LEU A 74 3.55 -4.39 6.60
CA LEU A 74 4.49 -5.15 5.77
C LEU A 74 3.92 -5.36 4.38
N MET A 75 2.60 -5.56 4.30
CA MET A 75 1.89 -5.73 3.00
C MET A 75 1.97 -4.43 2.20
N PHE A 76 1.71 -3.28 2.82
CA PHE A 76 1.87 -2.01 2.13
C PHE A 76 3.31 -1.83 1.62
N ALA A 77 4.33 -2.03 2.48
CA ALA A 77 5.71 -1.98 2.01
C ALA A 77 5.93 -2.92 0.83
N GLY A 78 5.35 -4.12 0.87
CA GLY A 78 5.59 -5.05 -0.23
C GLY A 78 5.02 -4.58 -1.56
N ALA A 79 3.78 -4.09 -1.53
CA ALA A 79 3.17 -3.48 -2.70
C ALA A 79 4.06 -2.38 -3.28
N LEU A 80 4.51 -1.47 -2.42
CA LEU A 80 5.41 -0.39 -2.88
C LEU A 80 6.70 -0.95 -3.48
N LEU A 81 7.43 -1.72 -2.70
CA LEU A 81 8.72 -2.25 -3.10
C LEU A 81 8.65 -3.01 -4.42
N MET A 82 7.62 -3.82 -4.59
CA MET A 82 7.65 -4.56 -5.83
C MET A 82 7.09 -3.78 -6.99
N TYR A 83 6.19 -2.82 -6.78
CA TYR A 83 5.85 -1.93 -7.90
C TYR A 83 7.13 -1.31 -8.44
N PHE A 84 7.90 -0.71 -7.54
CA PHE A 84 9.23 -0.20 -7.88
C PHE A 84 10.06 -1.24 -8.65
N ALA A 85 10.13 -2.48 -8.15
CA ALA A 85 10.92 -3.51 -8.82
C ALA A 85 10.40 -3.79 -10.22
N ALA A 86 9.08 -3.81 -10.35
CA ALA A 86 8.40 -4.17 -11.59
C ALA A 86 8.73 -3.17 -12.68
N GLN A 87 9.07 -1.92 -12.30
CA GLN A 87 9.41 -0.90 -13.29
C GLN A 87 10.89 -0.87 -13.68
N GLN A 88 11.66 -1.91 -13.36
CA GLN A 88 13.10 -1.87 -13.51
C GLN A 88 13.55 -2.48 -14.83
N THR A 89 14.29 -1.69 -15.60
CA THR A 89 14.81 -2.11 -16.89
C THR A 89 16.04 -3.01 -16.78
N THR A 90 16.81 -2.88 -15.69
CA THR A 90 18.16 -3.41 -15.55
C THR A 90 18.17 -4.48 -14.49
N PHE A 91 19.21 -5.30 -14.48
CA PHE A 91 19.39 -6.20 -13.34
C PHE A 91 19.83 -5.44 -12.10
N ALA A 92 20.72 -4.45 -12.27
CA ALA A 92 21.27 -3.72 -11.14
C ALA A 92 20.19 -2.96 -10.39
N GLY A 93 19.29 -2.28 -11.12
CA GLY A 93 18.19 -1.61 -10.46
C GLY A 93 17.13 -2.57 -9.97
N PHE A 94 17.03 -3.76 -10.57
CA PHE A 94 15.92 -4.64 -10.26
C PHE A 94 16.20 -5.50 -9.03
N PHE A 95 17.39 -6.09 -8.97
CA PHE A 95 17.73 -7.01 -7.89
C PHE A 95 17.46 -6.47 -6.48
N PRO A 96 17.94 -5.28 -6.09
CA PRO A 96 17.80 -4.90 -4.65
C PRO A 96 16.35 -4.70 -4.25
N LEU A 97 15.49 -4.33 -5.21
CA LEU A 97 14.08 -4.18 -4.92
C LEU A 97 13.40 -5.53 -4.73
N LEU A 98 13.81 -6.52 -5.52
CA LEU A 98 13.29 -7.86 -5.28
C LEU A 98 13.74 -8.36 -3.91
N LEU A 99 15.00 -8.15 -3.56
CA LEU A 99 15.47 -8.60 -2.25
C LEU A 99 14.75 -7.90 -1.11
N ALA A 100 14.51 -6.58 -1.25
CA ALA A 100 13.77 -5.83 -0.25
C ALA A 100 12.33 -6.34 -0.10
N TYR A 101 11.61 -6.44 -1.22
CA TYR A 101 10.28 -7.05 -1.16
C TYR A 101 10.34 -8.38 -0.44
N SER A 102 11.29 -9.25 -0.84
CA SER A 102 11.33 -10.61 -0.31
C SER A 102 11.50 -10.58 1.18
N LEU A 103 12.33 -9.66 1.65
CA LEU A 103 12.54 -9.53 3.09
C LEU A 103 11.28 -9.07 3.79
N THR A 104 10.46 -8.21 3.15
CA THR A 104 9.23 -7.83 3.85
C THR A 104 8.10 -8.84 3.63
N TYR A 105 8.20 -9.72 2.63
CA TYR A 105 7.15 -10.72 2.48
C TYR A 105 7.34 -11.85 3.46
N MET A 106 8.55 -12.43 3.51
CA MET A 106 8.57 -13.76 4.10
C MET A 106 8.20 -13.81 5.60
N PRO A 107 8.45 -12.75 6.39
CA PRO A 107 7.88 -12.77 7.76
C PRO A 107 6.37 -12.90 7.81
N THR A 108 5.65 -12.29 6.86
CA THR A 108 4.19 -12.41 6.78
C THR A 108 3.72 -13.86 6.81
N ILE A 109 4.48 -14.80 6.23
CA ILE A 109 4.11 -16.22 6.31
C ILE A 109 3.86 -16.58 7.77
N ALA A 110 4.88 -16.37 8.62
CA ALA A 110 4.73 -16.55 10.06
C ALA A 110 3.58 -15.70 10.60
N LEU A 111 3.59 -14.40 10.33
CA LEU A 111 2.51 -13.55 10.81
C LEU A 111 1.15 -14.16 10.54
N THR A 112 0.94 -14.59 9.29
CA THR A 112 -0.40 -14.97 8.87
C THR A 112 -0.82 -16.30 9.47
N ASN A 113 0.13 -17.23 9.65
CA ASN A 113 -0.23 -18.51 10.23
C ASN A 113 -0.27 -18.46 11.75
N SER A 114 0.44 -17.49 12.35
CA SER A 114 0.18 -17.08 13.72
C SER A 114 -1.25 -16.57 13.91
N ILE A 115 -1.67 -15.58 13.12
CA ILE A 115 -3.00 -15.00 13.32
C ILE A 115 -4.07 -16.05 13.09
N ALA A 116 -3.84 -16.94 12.13
CA ALA A 116 -4.77 -18.05 11.97
C ALA A 116 -4.78 -18.95 13.21
N PHE A 117 -3.61 -19.29 13.75
CA PHE A 117 -3.54 -20.22 14.86
C PHE A 117 -4.18 -19.65 16.11
N ALA A 118 -3.81 -18.42 16.46
CA ALA A 118 -4.29 -17.81 17.69
C ALA A 118 -5.80 -17.71 17.71
N ASN A 119 -6.39 -17.21 16.63
CA ASN A 119 -7.79 -16.87 16.65
C ASN A 119 -8.68 -17.98 16.13
N VAL A 120 -8.25 -19.23 16.22
CA VAL A 120 -9.15 -20.26 15.71
C VAL A 120 -9.62 -21.13 16.88
N PRO A 121 -10.90 -21.51 16.92
CA PRO A 121 -11.41 -22.21 18.11
C PRO A 121 -10.69 -23.52 18.40
N ASP A 122 -10.63 -24.42 17.42
CA ASP A 122 -9.93 -25.69 17.59
C ASP A 122 -8.81 -25.76 16.57
N VAL A 123 -7.59 -26.02 17.04
CA VAL A 123 -6.45 -26.03 16.14
C VAL A 123 -6.56 -27.17 15.13
N GLU A 124 -6.80 -28.39 15.60
CA GLU A 124 -6.88 -29.49 14.64
C GLU A 124 -8.17 -29.46 13.84
N ARG A 125 -9.19 -28.75 14.31
CA ARG A 125 -10.40 -28.62 13.50
C ARG A 125 -10.20 -27.64 12.35
N ASP A 126 -9.60 -26.48 12.62
CA ASP A 126 -9.59 -25.41 11.64
C ASP A 126 -8.23 -25.11 11.02
N PHE A 127 -7.13 -25.30 11.74
CA PHE A 127 -5.83 -24.96 11.18
C PHE A 127 -5.57 -25.64 9.84
N PRO A 128 -5.67 -26.97 9.71
CA PRO A 128 -5.46 -27.59 8.40
C PRO A 128 -6.36 -27.03 7.33
N ARG A 129 -7.61 -26.76 7.68
CA ARG A 129 -8.55 -26.23 6.70
C ARG A 129 -8.21 -24.79 6.35
N ILE A 130 -7.56 -24.05 7.25
CA ILE A 130 -7.07 -22.73 6.88
C ILE A 130 -5.82 -22.85 6.00
N ARG A 131 -4.94 -23.80 6.28
CA ARG A 131 -3.65 -23.73 5.61
C ARG A 131 -3.68 -24.39 4.23
N VAL A 132 -4.68 -25.22 3.92
CA VAL A 132 -4.81 -25.59 2.50
C VAL A 132 -5.32 -24.41 1.67
N MET A 133 -6.03 -23.45 2.31
CA MET A 133 -6.43 -22.22 1.62
C MET A 133 -5.25 -21.47 1.04
N GLY A 134 -4.08 -21.61 1.66
CA GLY A 134 -2.86 -21.08 1.05
C GLY A 134 -2.59 -21.71 -0.29
N THR A 135 -2.63 -23.05 -0.36
CA THR A 135 -2.45 -23.72 -1.64
C THR A 135 -3.50 -23.29 -2.64
N ILE A 136 -4.77 -23.27 -2.20
CA ILE A 136 -5.86 -22.80 -3.06
C ILE A 136 -5.50 -21.46 -3.67
N GLY A 137 -5.06 -20.49 -2.87
CA GLY A 137 -4.77 -19.16 -3.40
C GLY A 137 -3.55 -19.14 -4.30
N TRP A 138 -2.63 -20.09 -4.08
CA TRP A 138 -1.55 -20.26 -5.04
C TRP A 138 -2.14 -20.62 -6.39
N ILE A 139 -3.01 -21.63 -6.38
CA ILE A 139 -3.77 -22.03 -7.56
C ILE A 139 -4.45 -20.81 -8.17
N ALA A 140 -5.09 -20.00 -7.35
CA ALA A 140 -5.88 -18.90 -7.90
C ALA A 140 -4.98 -17.92 -8.61
N SER A 141 -3.82 -17.58 -8.04
CA SER A 141 -2.90 -16.70 -8.76
C SER A 141 -2.47 -17.33 -10.08
N GLY A 142 -2.26 -18.65 -10.09
CA GLY A 142 -1.90 -19.34 -11.32
C GLY A 142 -2.97 -19.27 -12.39
N LEU A 143 -4.21 -19.57 -12.02
CA LEU A 143 -5.29 -19.49 -13.01
C LEU A 143 -5.52 -18.05 -13.42
N ALA A 144 -5.48 -17.12 -12.47
CA ALA A 144 -5.58 -15.71 -12.81
C ALA A 144 -4.48 -15.28 -13.76
N CYS A 145 -3.34 -15.95 -13.76
CA CYS A 145 -2.22 -15.40 -14.51
C CYS A 145 -2.03 -16.09 -15.85
N GLY A 146 -2.46 -17.36 -15.95
CA GLY A 146 -2.31 -18.12 -17.19
C GLY A 146 -3.57 -18.38 -17.97
N PHE A 147 -4.72 -18.04 -17.39
CA PHE A 147 -6.00 -18.33 -18.00
C PHE A 147 -6.88 -17.09 -18.05
N LEU A 148 -7.03 -16.41 -16.93
CA LEU A 148 -7.99 -15.29 -16.90
C LEU A 148 -7.70 -14.20 -17.92
N PRO A 149 -6.47 -13.68 -18.05
CA PRO A 149 -6.27 -12.55 -18.98
C PRO A 149 -6.66 -12.87 -20.41
N GLN A 150 -6.59 -14.13 -20.81
CA GLN A 150 -6.89 -14.55 -22.20
C GLN A 150 -8.41 -14.66 -22.40
N ILE A 151 -9.12 -14.70 -21.28
CA ILE A 151 -10.59 -14.86 -21.20
C ILE A 151 -11.21 -13.49 -21.45
N LEU A 152 -10.45 -12.42 -21.25
CA LEU A 152 -10.94 -11.03 -21.34
C LEU A 152 -10.42 -10.33 -22.59
N GLY A 153 -9.64 -11.00 -23.42
CA GLY A 153 -9.20 -10.44 -24.68
C GLY A 153 -7.75 -10.04 -24.71
N TYR A 154 -6.96 -10.41 -23.71
CA TYR A 154 -5.54 -10.11 -23.70
C TYR A 154 -4.76 -11.38 -23.92
N ALA A 155 -3.50 -11.21 -24.33
CA ALA A 155 -2.54 -12.28 -24.56
C ALA A 155 -1.81 -12.65 -23.26
N ASP A 156 -1.15 -13.82 -23.28
CA ASP A 156 -0.23 -14.25 -22.23
C ASP A 156 0.50 -13.07 -21.62
N ILE A 157 0.32 -12.87 -20.30
CA ILE A 157 1.04 -11.81 -19.58
C ILE A 157 2.35 -12.29 -18.98
N SER A 158 2.64 -13.62 -18.98
CA SER A 158 3.82 -14.20 -18.36
C SER A 158 5.10 -13.50 -18.83
N PRO A 159 5.30 -13.24 -20.13
CA PRO A 159 6.48 -12.47 -20.54
C PRO A 159 6.39 -10.97 -20.24
N THR A 160 5.52 -10.54 -19.33
CA THR A 160 5.40 -9.12 -19.03
C THR A 160 5.37 -8.91 -17.52
N ASN A 161 5.35 -7.66 -17.07
CA ASN A 161 5.50 -7.40 -15.64
C ASN A 161 4.18 -7.43 -14.87
N ILE A 162 3.06 -7.61 -15.56
CA ILE A 162 1.72 -7.61 -14.96
C ILE A 162 1.67 -8.60 -13.81
N PRO A 163 2.30 -9.79 -13.86
CA PRO A 163 2.26 -10.60 -12.64
C PRO A 163 2.84 -9.86 -11.45
N LEU A 164 4.01 -9.25 -11.63
CA LEU A 164 4.61 -8.30 -10.68
C LEU A 164 3.60 -7.27 -10.20
N LEU A 165 2.72 -6.83 -11.09
CA LEU A 165 1.68 -5.87 -10.69
C LEU A 165 0.58 -6.56 -9.91
N ILE A 166 0.15 -7.74 -10.37
CA ILE A 166 -0.92 -8.44 -9.67
C ILE A 166 -0.54 -8.59 -8.21
N THR A 167 0.62 -9.24 -7.96
CA THR A 167 1.16 -9.38 -6.60
C THR A 167 1.11 -8.04 -5.85
N ALA A 168 1.61 -6.95 -6.45
CA ALA A 168 1.52 -5.67 -5.73
C ALA A 168 0.07 -5.36 -5.36
N GLY A 169 -0.83 -5.34 -6.34
CA GLY A 169 -2.23 -5.10 -6.04
C GLY A 169 -2.78 -6.02 -4.95
N SER A 170 -2.42 -7.30 -4.97
CA SER A 170 -2.94 -8.21 -3.96
C SER A 170 -2.39 -7.87 -2.58
N SER A 171 -1.08 -7.55 -2.53
CA SER A 171 -0.53 -7.00 -1.31
C SER A 171 -1.40 -5.86 -0.83
N ALA A 172 -1.66 -4.88 -1.71
CA ALA A 172 -2.42 -3.75 -1.25
C ALA A 172 -3.69 -4.25 -0.61
N LEU A 173 -4.35 -5.21 -1.29
CA LEU A 173 -5.64 -5.70 -0.80
C LEU A 173 -5.51 -6.31 0.60
N LEU A 174 -4.57 -7.24 0.76
CA LEU A 174 -4.37 -7.87 2.07
C LEU A 174 -4.06 -6.82 3.12
N GLY A 175 -3.25 -5.82 2.77
CA GLY A 175 -3.04 -4.72 3.69
C GLY A 175 -4.35 -4.19 4.24
N VAL A 176 -5.22 -3.73 3.35
CA VAL A 176 -6.47 -3.15 3.81
C VAL A 176 -7.28 -4.19 4.58
N PHE A 177 -7.23 -5.46 4.16
CA PHE A 177 -8.06 -6.46 4.81
C PHE A 177 -7.55 -6.82 6.20
N ALA A 178 -6.34 -6.36 6.54
CA ALA A 178 -5.79 -6.59 7.87
C ALA A 178 -6.44 -5.68 8.91
N PHE A 179 -7.20 -4.67 8.48
CA PHE A 179 -7.99 -3.86 9.42
C PHE A 179 -9.00 -4.72 10.16
N PHE A 180 -9.81 -5.46 9.41
CA PHE A 180 -10.78 -6.42 9.92
C PHE A 180 -10.10 -7.71 10.30
N LEU A 181 -8.93 -7.70 10.90
CA LEU A 181 -8.58 -9.02 11.39
C LEU A 181 -8.40 -8.94 12.90
N PRO A 182 -8.81 -9.98 13.63
CA PRO A 182 -8.85 -9.88 15.11
C PRO A 182 -7.47 -9.61 15.70
N ASP A 183 -7.47 -9.16 16.95
CA ASP A 183 -6.22 -8.81 17.62
C ASP A 183 -5.42 -10.08 17.92
N THR A 184 -4.11 -10.04 17.62
CA THR A 184 -3.21 -11.18 17.74
C THR A 184 -1.93 -10.79 18.46
N PRO A 185 -1.82 -11.00 19.77
CA PRO A 185 -0.62 -10.59 20.50
C PRO A 185 0.62 -11.26 19.95
N PRO A 186 1.79 -10.69 20.21
CA PRO A 186 3.05 -11.31 19.78
C PRO A 186 3.48 -12.43 20.72
N LYS A 187 4.56 -13.10 20.35
CA LYS A 187 5.13 -14.19 21.15
C LYS A 187 6.61 -14.43 20.83
N ASP A 193 15.98 -13.35 24.14
CA ASP A 193 16.35 -12.80 22.84
C ASP A 193 17.72 -13.30 22.36
N ILE A 194 17.90 -14.62 22.21
CA ILE A 194 19.17 -15.15 21.75
C ILE A 194 19.04 -15.56 20.28
N LYS A 195 19.90 -14.95 19.44
CA LYS A 195 19.89 -15.13 18.00
C LYS A 195 20.24 -16.55 17.58
N VAL A 196 20.75 -17.37 18.49
CA VAL A 196 21.36 -18.63 18.16
C VAL A 196 20.35 -19.79 18.24
N MET A 197 19.05 -19.47 18.14
CA MET A 197 18.00 -20.45 18.40
C MET A 197 17.86 -21.45 17.26
N LEU A 198 17.95 -20.98 16.01
CA LEU A 198 17.69 -21.84 14.85
C LEU A 198 18.68 -22.99 14.78
N GLY A 199 19.98 -22.68 14.84
CA GLY A 199 21.06 -23.63 14.63
C GLY A 199 21.47 -24.37 15.87
N LEU A 200 22.03 -23.65 16.85
CA LEU A 200 22.68 -24.26 18.01
C LEU A 200 21.76 -25.22 18.77
N ASP A 201 20.50 -24.81 18.99
CA ASP A 201 19.52 -25.76 19.49
C ASP A 201 19.62 -27.09 18.74
N ALA A 202 19.73 -27.04 17.41
CA ALA A 202 19.47 -28.21 16.59
C ALA A 202 20.71 -28.84 16.00
N LEU A 203 21.88 -28.24 16.19
CA LEU A 203 23.08 -28.72 15.52
C LEU A 203 23.54 -30.04 16.11
N ILE A 204 23.38 -30.21 17.43
CA ILE A 204 23.86 -31.39 18.14
C ILE A 204 22.94 -32.59 17.94
N LEU A 205 21.84 -32.40 17.22
CA LEU A 205 21.06 -33.56 16.78
C LEU A 205 21.74 -34.33 15.64
N LEU A 206 22.73 -33.72 14.98
CA LEU A 206 23.40 -34.36 13.85
C LEU A 206 24.19 -35.61 14.25
N ARG A 207 24.44 -35.80 15.55
CA ARG A 207 25.28 -36.92 15.98
C ARG A 207 24.63 -38.26 15.67
N ASP A 208 23.30 -38.30 15.64
CA ASP A 208 22.62 -39.53 15.29
C ASP A 208 22.82 -39.79 13.80
N LYS A 209 23.26 -41.01 13.45
CA LYS A 209 23.67 -41.28 12.07
C LYS A 209 22.54 -41.05 11.09
N ASN A 210 21.38 -41.67 11.35
CA ASN A 210 20.22 -41.50 10.47
C ASN A 210 19.88 -40.04 10.28
N PHE A 211 19.98 -39.24 11.34
CA PHE A 211 19.62 -37.85 11.22
C PHE A 211 20.59 -37.13 10.31
N LEU A 212 21.87 -37.49 10.35
CA LEU A 212 22.82 -36.78 9.49
C LEU A 212 22.66 -37.19 8.03
N VAL A 213 22.50 -38.48 7.75
CA VAL A 213 22.33 -38.85 6.34
C VAL A 213 21.06 -38.21 5.77
N PHE A 214 19.97 -38.25 6.55
CA PHE A 214 18.77 -37.53 6.17
C PHE A 214 19.05 -36.06 5.91
N PHE A 215 19.69 -35.37 6.87
CA PHE A 215 19.98 -33.95 6.69
C PHE A 215 20.75 -33.67 5.40
N PHE A 216 21.82 -34.42 5.13
CA PHE A 216 22.68 -34.01 4.02
C PHE A 216 22.12 -34.47 2.68
N CYS A 217 21.43 -35.62 2.65
CA CYS A 217 20.75 -35.99 1.43
C CYS A 217 19.57 -35.10 1.12
N SER A 218 18.84 -34.63 2.14
CA SER A 218 17.83 -33.60 1.93
C SER A 218 18.45 -32.32 1.39
N PHE A 219 19.60 -31.92 1.93
CA PHE A 219 20.24 -30.70 1.46
C PHE A 219 20.66 -30.83 0.00
N LEU A 220 21.20 -32.00 -0.37
CA LEU A 220 21.49 -32.24 -1.78
C LEU A 220 20.21 -32.17 -2.61
N PHE A 221 19.13 -32.79 -2.12
CA PHE A 221 17.84 -32.82 -2.79
C PHE A 221 17.41 -31.43 -3.22
N ALA A 222 17.55 -30.45 -2.32
CA ALA A 222 17.00 -29.13 -2.59
C ALA A 222 17.60 -28.45 -3.80
N MET A 223 18.77 -28.90 -4.30
CA MET A 223 19.42 -28.13 -5.36
C MET A 223 18.88 -28.51 -6.74
N PRO A 224 18.84 -29.77 -7.14
CA PRO A 224 18.07 -30.10 -8.35
C PRO A 224 16.60 -29.72 -8.24
N LEU A 225 15.98 -29.84 -7.07
CA LEU A 225 14.56 -29.56 -6.94
C LEU A 225 14.26 -28.08 -7.14
N ALA A 226 15.27 -27.22 -6.97
CA ALA A 226 15.15 -25.79 -7.29
C ALA A 226 15.07 -25.54 -8.78
N PHE A 227 15.45 -26.52 -9.61
CA PHE A 227 15.37 -26.31 -11.04
C PHE A 227 13.93 -26.09 -11.47
N TYR A 228 13.02 -26.91 -10.95
CA TYR A 228 11.61 -26.79 -11.29
C TYR A 228 11.11 -25.34 -11.16
N TYR A 229 11.39 -24.70 -10.04
CA TYR A 229 10.68 -23.45 -9.77
C TYR A 229 11.19 -22.32 -10.64
N ILE A 230 12.42 -22.43 -11.12
CA ILE A 230 13.00 -21.34 -11.90
C ILE A 230 12.97 -21.64 -13.39
N PHE A 231 12.71 -22.89 -13.79
CA PHE A 231 12.79 -23.24 -15.21
C PHE A 231 11.58 -23.92 -15.80
N ALA A 232 10.66 -24.45 -15.00
CA ALA A 232 9.61 -25.30 -15.56
C ALA A 232 8.69 -24.50 -16.48
N ASN A 233 8.30 -23.31 -16.06
CA ASN A 233 7.40 -22.51 -16.88
C ASN A 233 8.10 -22.01 -18.14
N GLY A 234 9.29 -21.43 -17.99
CA GLY A 234 10.07 -21.05 -19.16
C GLY A 234 10.18 -22.17 -20.18
N TYR A 235 10.59 -23.36 -19.74
CA TYR A 235 10.76 -24.47 -20.67
C TYR A 235 9.44 -24.96 -21.23
N LEU A 236 8.45 -25.20 -20.36
CA LEU A 236 7.11 -25.59 -20.79
C LEU A 236 6.60 -24.72 -21.94
N THR A 237 6.76 -23.40 -21.83
CA THR A 237 6.27 -22.55 -22.91
C THR A 237 7.24 -22.52 -24.07
N GLU A 238 8.52 -22.72 -23.82
CA GLU A 238 9.43 -22.72 -24.95
C GLU A 238 9.26 -23.94 -25.80
N VAL A 239 8.69 -24.99 -25.22
CA VAL A 239 8.54 -26.26 -25.88
C VAL A 239 7.16 -26.41 -26.47
N GLY A 240 6.29 -25.42 -26.21
CA GLY A 240 5.06 -25.25 -26.97
C GLY A 240 3.78 -25.40 -26.18
N MET A 241 3.86 -25.67 -24.87
CA MET A 241 2.67 -25.71 -24.02
C MET A 241 2.15 -24.29 -23.79
N LYS A 242 0.87 -24.09 -24.10
CA LYS A 242 0.22 -22.80 -23.97
C LYS A 242 -0.51 -22.68 -22.63
N ASN A 243 -0.55 -21.46 -22.09
CA ASN A 243 -1.05 -21.23 -20.74
C ASN A 243 -0.35 -22.13 -19.72
N ALA A 244 0.98 -22.23 -19.85
CA ALA A 244 1.73 -23.10 -18.96
C ALA A 244 1.63 -22.66 -17.50
N THR A 245 1.55 -21.35 -17.24
CA THR A 245 1.56 -20.88 -15.86
C THR A 245 0.27 -21.20 -15.10
N GLY A 246 -0.82 -21.51 -15.81
CA GLY A 246 -2.02 -21.99 -15.14
C GLY A 246 -2.13 -23.50 -15.18
N TRP A 247 -1.57 -24.11 -16.22
CA TRP A 247 -1.57 -25.57 -16.25
C TRP A 247 -0.67 -26.15 -15.18
N MET A 248 0.30 -25.38 -14.70
CA MET A 248 1.15 -25.89 -13.63
C MET A 248 0.45 -26.04 -12.29
N THR A 249 -0.77 -25.54 -12.14
CA THR A 249 -1.43 -25.81 -10.87
C THR A 249 -1.83 -27.28 -10.73
N LEU A 250 -1.50 -28.13 -11.70
CA LEU A 250 -1.76 -29.53 -11.43
C LEU A 250 -0.84 -30.05 -10.33
N GLY A 251 0.33 -29.45 -10.11
CA GLY A 251 1.12 -29.87 -8.96
C GLY A 251 0.46 -29.52 -7.64
N GLN A 252 -0.21 -28.38 -7.58
CA GLN A 252 -0.92 -27.95 -6.38
C GLN A 252 -2.13 -28.85 -6.12
N PHE A 253 -2.99 -28.99 -7.13
CA PHE A 253 -4.12 -29.91 -7.04
C PHE A 253 -3.67 -31.32 -6.71
N SER A 254 -2.50 -31.73 -7.23
CA SER A 254 -1.99 -33.06 -6.99
C SER A 254 -1.58 -33.21 -5.53
N GLU A 255 -0.78 -32.28 -5.02
CA GLU A 255 -0.50 -32.27 -3.59
C GLU A 255 -1.79 -32.45 -2.80
N ILE A 256 -2.75 -31.52 -3.02
CA ILE A 256 -3.97 -31.53 -2.23
C ILE A 256 -4.64 -32.89 -2.27
N PHE A 257 -4.86 -33.42 -3.46
CA PHE A 257 -5.69 -34.61 -3.53
C PHE A 257 -4.93 -35.88 -3.15
N PHE A 258 -3.67 -36.02 -3.56
CA PHE A 258 -2.91 -37.24 -3.28
C PHE A 258 -2.50 -37.36 -1.81
N MET A 259 -2.53 -36.26 -1.04
CA MET A 259 -2.11 -36.41 0.34
C MET A 259 -3.11 -37.20 1.18
N LEU A 260 -4.38 -37.20 0.79
CA LEU A 260 -5.31 -38.12 1.42
C LEU A 260 -4.84 -39.57 1.25
N ALA A 261 -4.26 -39.88 0.10
CA ALA A 261 -3.71 -41.21 -0.14
C ALA A 261 -2.40 -41.43 0.60
N LEU A 262 -1.72 -40.37 0.96
CA LEU A 262 -0.40 -40.53 1.58
C LEU A 262 -0.40 -41.25 2.94
N PRO A 263 -1.25 -40.93 3.95
CA PRO A 263 -1.10 -41.62 5.25
C PRO A 263 -1.20 -43.15 5.17
N PHE A 264 -1.96 -43.66 4.21
CA PHE A 264 -2.13 -45.11 4.09
C PHE A 264 -0.87 -45.74 3.47
N PHE A 265 -0.27 -45.02 2.53
CA PHE A 265 1.12 -45.26 2.12
C PHE A 265 2.07 -45.36 3.33
N THR A 266 2.12 -44.29 4.14
CA THR A 266 3.16 -44.23 5.18
C THR A 266 3.00 -45.39 6.16
N ALA A 267 1.76 -45.74 6.51
CA ALA A 267 1.55 -46.93 7.36
C ALA A 267 2.07 -48.20 6.69
N ARG A 268 1.71 -48.43 5.43
CA ARG A 268 2.01 -49.75 4.86
C ARG A 268 3.50 -49.94 4.59
N PHE A 269 4.26 -48.88 4.27
CA PHE A 269 5.65 -49.11 3.85
C PHE A 269 6.72 -48.60 4.82
N GLY A 270 6.45 -47.58 5.61
CA GLY A 270 7.53 -47.15 6.52
C GLY A 270 8.26 -45.95 5.98
N ILE A 271 8.77 -45.10 6.86
CA ILE A 271 9.33 -43.80 6.42
C ILE A 271 10.52 -43.96 5.49
N LYS A 272 11.40 -44.92 5.67
CA LYS A 272 12.53 -44.95 4.71
C LYS A 272 12.01 -45.20 3.30
N LYS A 273 11.04 -46.10 3.10
CA LYS A 273 10.50 -46.34 1.75
C LYS A 273 9.83 -45.07 1.26
N VAL A 274 8.99 -44.47 2.07
CA VAL A 274 8.29 -43.24 1.60
C VAL A 274 9.28 -42.11 1.38
N LEU A 275 10.32 -42.01 2.19
CA LEU A 275 11.28 -40.92 1.99
C LEU A 275 11.98 -41.07 0.65
N LEU A 276 12.28 -42.30 0.23
CA LEU A 276 12.95 -42.42 -1.09
C LEU A 276 11.90 -42.52 -2.20
N LEU A 277 10.66 -42.83 -1.87
CA LEU A 277 9.66 -42.87 -2.96
C LEU A 277 9.50 -41.47 -3.53
N GLY A 278 9.36 -40.46 -2.67
CA GLY A 278 9.32 -39.11 -3.21
C GLY A 278 10.52 -38.81 -4.09
N LEU A 279 11.69 -39.30 -3.67
CA LEU A 279 12.94 -39.20 -4.41
C LEU A 279 12.81 -39.78 -5.82
N VAL A 280 12.27 -41.00 -5.92
CA VAL A 280 12.19 -41.67 -7.21
C VAL A 280 11.17 -41.00 -8.10
N THR A 281 10.07 -40.50 -7.55
CA THR A 281 9.15 -39.82 -8.46
C THR A 281 9.65 -38.44 -8.85
N ALA A 282 10.52 -37.82 -8.08
CA ALA A 282 11.13 -36.59 -8.56
C ALA A 282 12.07 -36.89 -9.71
N ALA A 283 12.78 -38.03 -9.61
CA ALA A 283 13.60 -38.50 -10.72
C ALA A 283 12.76 -38.78 -11.98
N ILE A 284 11.73 -39.59 -11.82
CA ILE A 284 10.84 -39.89 -12.93
C ILE A 284 10.31 -38.61 -13.57
N ARG A 285 9.80 -37.69 -12.74
CA ARG A 285 9.26 -36.43 -13.26
C ARG A 285 10.27 -35.67 -14.10
N TYR A 286 11.50 -35.56 -13.60
CA TYR A 286 12.53 -34.85 -14.35
C TYR A 286 12.86 -35.53 -15.69
N GLY A 287 12.74 -36.86 -15.72
CA GLY A 287 12.92 -37.57 -16.98
C GLY A 287 11.84 -37.23 -17.99
N PHE A 288 10.59 -37.32 -17.55
CA PHE A 288 9.46 -36.80 -18.32
C PHE A 288 9.75 -35.41 -18.89
N PHE A 289 10.48 -34.59 -18.14
CA PHE A 289 10.77 -33.26 -18.68
C PHE A 289 11.92 -33.23 -19.68
N ILE A 290 12.84 -34.19 -19.57
CA ILE A 290 13.89 -34.40 -20.57
C ILE A 290 13.29 -34.60 -21.95
N TYR A 291 12.37 -35.55 -22.06
CA TYR A 291 11.93 -36.02 -23.37
C TYR A 291 10.64 -35.35 -23.85
N GLY A 292 9.87 -34.70 -22.98
CA GLY A 292 8.64 -34.07 -23.42
C GLY A 292 8.91 -32.81 -24.25
N SER A 293 8.16 -32.66 -25.35
CA SER A 293 8.24 -31.43 -26.14
C SER A 293 6.96 -31.06 -26.86
N ALA A 294 5.81 -31.64 -26.49
CA ALA A 294 4.47 -31.12 -26.80
C ALA A 294 4.09 -31.09 -28.28
N ASP A 295 4.99 -31.43 -29.21
CA ASP A 295 4.59 -31.45 -30.61
C ASP A 295 3.62 -32.58 -30.90
N GLU A 296 3.73 -33.68 -30.15
CA GLU A 296 2.89 -34.85 -30.28
C GLU A 296 2.16 -35.10 -28.95
N TYR A 297 1.06 -35.87 -29.03
CA TYR A 297 0.23 -36.04 -27.85
C TYR A 297 0.94 -36.83 -26.76
N PHE A 298 1.83 -37.75 -27.14
CA PHE A 298 2.53 -38.53 -26.12
C PHE A 298 3.52 -37.67 -25.32
N THR A 299 4.31 -36.85 -26.02
CA THR A 299 5.22 -35.93 -25.32
C THR A 299 4.46 -34.93 -24.45
N TYR A 300 3.31 -34.45 -24.95
CA TYR A 300 2.41 -33.59 -24.18
C TYR A 300 1.92 -34.28 -22.90
N ALA A 301 1.48 -35.53 -23.03
CA ALA A 301 1.04 -36.28 -21.86
C ALA A 301 2.17 -36.39 -20.84
N LEU A 302 3.40 -36.62 -21.32
CA LEU A 302 4.53 -36.69 -20.40
C LEU A 302 4.72 -35.37 -19.65
N LEU A 303 4.52 -34.25 -20.35
CA LEU A 303 4.57 -32.95 -19.67
C LEU A 303 3.58 -32.88 -18.51
N PHE A 304 2.32 -33.20 -18.81
CA PHE A 304 1.29 -33.11 -17.78
C PHE A 304 1.57 -34.07 -16.64
N LEU A 305 2.05 -35.27 -16.96
CA LEU A 305 2.29 -36.26 -15.90
C LEU A 305 3.44 -35.82 -15.02
N GLY A 306 4.46 -35.19 -15.59
CA GLY A 306 5.52 -34.61 -14.78
C GLY A 306 5.00 -33.60 -13.77
N ILE A 307 4.14 -32.69 -14.22
CA ILE A 307 3.58 -31.70 -13.29
C ILE A 307 2.79 -32.39 -12.19
N LEU A 308 1.97 -33.39 -12.56
CA LEU A 308 1.24 -34.17 -11.55
C LEU A 308 2.17 -34.75 -10.50
N LEU A 309 3.20 -35.47 -10.97
CA LEU A 309 4.07 -36.11 -10.02
C LEU A 309 4.93 -35.11 -9.28
N HIS A 310 4.86 -33.83 -9.63
CA HIS A 310 5.47 -32.84 -8.74
C HIS A 310 4.73 -32.77 -7.41
N GLY A 311 3.40 -32.61 -7.45
CA GLY A 311 2.65 -32.63 -6.21
C GLY A 311 2.74 -33.98 -5.51
N VAL A 312 2.76 -35.06 -6.30
CA VAL A 312 3.03 -36.37 -5.71
C VAL A 312 4.36 -36.37 -4.96
N SER A 313 5.41 -35.80 -5.59
CA SER A 313 6.75 -35.85 -5.02
C SER A 313 6.86 -34.99 -3.76
N TYR A 314 6.23 -33.80 -3.79
CA TYR A 314 6.19 -32.92 -2.62
C TYR A 314 5.52 -33.62 -1.46
N ASP A 315 4.34 -34.21 -1.69
CA ASP A 315 3.66 -34.93 -0.62
C ASP A 315 4.51 -36.09 -0.11
N PHE A 316 5.21 -36.78 -0.99
CA PHE A 316 5.98 -37.93 -0.52
C PHE A 316 7.15 -37.50 0.36
N TYR A 317 7.85 -36.43 -0.01
CA TYR A 317 9.05 -36.08 0.69
C TYR A 317 8.84 -35.04 1.78
N TYR A 318 8.30 -33.86 1.42
CA TYR A 318 8.33 -32.74 2.37
C TYR A 318 7.51 -33.03 3.64
N VAL A 319 6.30 -33.55 3.50
CA VAL A 319 5.41 -33.73 4.66
C VAL A 319 5.93 -34.84 5.59
N THR A 320 6.37 -35.98 5.01
CA THR A 320 6.86 -37.05 5.87
C THR A 320 8.16 -36.62 6.54
N ALA A 321 9.03 -35.92 5.79
CA ALA A 321 10.24 -35.35 6.34
C ALA A 321 9.97 -34.51 7.60
N TYR A 322 9.01 -33.59 7.51
CA TYR A 322 8.59 -32.89 8.72
C TYR A 322 8.17 -33.87 9.82
N ILE A 323 7.40 -34.90 9.46
CA ILE A 323 6.97 -35.86 10.48
C ILE A 323 8.18 -36.50 11.14
N TYR A 324 9.11 -37.01 10.32
CA TYR A 324 10.32 -37.66 10.79
C TYR A 324 11.07 -36.80 11.78
N VAL A 325 11.27 -35.53 11.45
CA VAL A 325 11.95 -34.67 12.41
C VAL A 325 11.15 -34.61 13.71
N ASP A 326 9.82 -34.54 13.61
CA ASP A 326 9.06 -34.44 14.85
C ASP A 326 9.21 -35.69 15.70
N LYS A 327 8.98 -36.87 15.13
CA LYS A 327 9.09 -38.06 15.96
C LYS A 327 10.52 -38.33 16.39
N LYS A 328 11.48 -37.84 15.63
CA LYS A 328 12.89 -38.06 15.88
C LYS A 328 13.51 -36.99 16.78
N ALA A 329 12.80 -35.90 17.06
CA ALA A 329 13.47 -34.89 17.85
C ALA A 329 12.86 -34.73 19.26
N PRO A 330 13.68 -34.38 20.25
CA PRO A 330 13.16 -34.08 21.59
C PRO A 330 12.27 -32.85 21.61
N VAL A 331 11.22 -32.90 22.45
CA VAL A 331 10.06 -32.05 22.24
C VAL A 331 10.41 -30.58 22.43
N HIS A 332 11.26 -30.27 23.40
CA HIS A 332 11.72 -28.89 23.51
C HIS A 332 12.40 -28.43 22.23
N MET A 333 12.98 -29.37 21.48
CA MET A 333 13.91 -29.04 20.40
C MET A 333 13.36 -29.25 18.99
N ARG A 334 12.12 -29.75 18.83
CA ARG A 334 11.68 -30.06 17.48
C ARG A 334 11.41 -28.81 16.69
N THR A 335 10.88 -27.76 17.33
CA THR A 335 10.71 -26.50 16.62
C THR A 335 12.06 -25.98 16.14
N ALA A 336 13.08 -26.13 16.98
CA ALA A 336 14.45 -25.76 16.62
C ALA A 336 14.94 -26.53 15.40
N ALA A 337 14.72 -27.84 15.42
CA ALA A 337 15.20 -28.70 14.33
C ALA A 337 14.50 -28.37 13.01
N GLN A 338 13.17 -28.15 13.05
CA GLN A 338 12.46 -27.71 11.86
C GLN A 338 13.07 -26.44 11.31
N GLY A 339 13.21 -25.44 12.18
CA GLY A 339 13.95 -24.25 11.80
C GLY A 339 15.26 -24.57 11.13
N LEU A 340 15.98 -25.59 11.61
CA LEU A 340 17.31 -25.86 11.09
C LEU A 340 17.29 -26.49 9.70
N ILE A 341 16.55 -27.59 9.55
CA ILE A 341 16.55 -28.25 8.25
C ILE A 341 15.95 -27.33 7.20
N THR A 342 14.84 -26.66 7.53
CA THR A 342 14.40 -25.55 6.68
C THR A 342 15.55 -24.60 6.36
N LEU A 343 16.36 -24.24 7.36
CA LEU A 343 17.37 -23.18 7.18
C LEU A 343 18.38 -23.53 6.10
N CYS A 344 19.01 -24.71 6.19
CA CYS A 344 20.04 -25.07 5.21
C CYS A 344 19.49 -25.92 4.07
N CYS A 345 18.83 -27.02 4.43
CA CYS A 345 18.23 -27.83 3.38
C CYS A 345 17.37 -26.96 2.46
N GLN A 346 16.26 -26.44 2.98
CA GLN A 346 15.33 -25.70 2.13
C GLN A 346 15.76 -24.27 1.86
N GLY A 347 16.77 -23.76 2.54
CA GLY A 347 17.18 -22.39 2.32
C GLY A 347 18.50 -22.25 1.60
N PHE A 348 19.54 -22.93 2.09
CA PHE A 348 20.82 -22.86 1.40
C PHE A 348 20.85 -23.82 0.22
N GLY A 349 20.21 -24.98 0.36
CA GLY A 349 20.05 -25.85 -0.78
C GLY A 349 19.26 -25.19 -1.89
N SER A 350 18.24 -24.39 -1.52
CA SER A 350 17.48 -23.66 -2.53
C SER A 350 18.36 -22.66 -3.25
N LEU A 351 19.14 -21.88 -2.49
CA LEU A 351 20.03 -20.90 -3.10
C LEU A 351 21.04 -21.56 -4.03
N LEU A 352 21.62 -22.66 -3.56
CA LEU A 352 22.59 -23.47 -4.34
C LEU A 352 21.88 -23.89 -5.64
N GLY A 353 20.69 -24.49 -5.51
CA GLY A 353 19.94 -24.87 -6.69
C GLY A 353 19.82 -23.72 -7.68
N TYR A 354 19.29 -22.59 -7.23
CA TYR A 354 19.05 -21.49 -8.15
C TYR A 354 20.33 -21.05 -8.84
N ARG A 355 21.39 -20.79 -8.09
CA ARG A 355 22.55 -20.19 -8.74
C ARG A 355 23.43 -21.22 -9.43
N LEU A 356 23.63 -22.41 -8.84
CA LEU A 356 24.22 -23.50 -9.58
C LEU A 356 23.52 -23.67 -10.93
N GLY A 357 22.19 -23.83 -10.92
CA GLY A 357 21.48 -24.06 -12.16
C GLY A 357 21.55 -22.89 -13.12
N GLY A 358 21.41 -21.67 -12.60
CA GLY A 358 21.37 -20.51 -13.48
C GLY A 358 22.69 -20.27 -14.19
N VAL A 359 23.78 -20.16 -13.43
CA VAL A 359 25.05 -19.95 -14.12
C VAL A 359 25.45 -21.20 -14.88
N MET A 360 25.01 -22.39 -14.45
CA MET A 360 25.28 -23.58 -15.25
C MET A 360 24.57 -23.51 -16.60
N MET A 361 23.36 -22.97 -16.62
CA MET A 361 22.62 -22.79 -17.86
C MET A 361 23.33 -21.81 -18.79
N GLU A 362 23.64 -20.62 -18.28
CA GLU A 362 24.24 -19.65 -19.21
C GLU A 362 25.62 -20.11 -19.64
N LYS A 363 26.32 -20.89 -18.81
CA LYS A 363 27.67 -21.28 -19.16
C LYS A 363 27.70 -22.49 -20.08
N MET A 364 26.74 -23.41 -19.92
CA MET A 364 26.78 -24.70 -20.58
C MET A 364 25.56 -25.02 -21.44
N PHE A 365 24.45 -24.30 -21.29
CA PHE A 365 23.24 -24.62 -22.03
C PHE A 365 22.71 -23.51 -22.94
N ALA A 366 23.03 -22.25 -22.67
CA ALA A 366 22.44 -21.14 -23.42
C ALA A 366 22.68 -21.29 -24.91
N TYR A 367 21.61 -21.21 -25.69
CA TYR A 367 21.72 -21.29 -27.14
C TYR A 367 22.11 -19.92 -27.69
N GLN A 368 23.05 -19.92 -28.63
CA GLN A 368 23.55 -18.68 -29.19
C GLN A 368 22.49 -18.01 -30.06
N GLU A 369 21.73 -18.81 -30.80
CA GLU A 369 20.58 -18.39 -31.58
C GLU A 369 19.53 -19.49 -31.46
N PRO A 370 18.26 -19.12 -31.24
CA PRO A 370 17.24 -20.12 -30.90
C PRO A 370 17.01 -21.14 -32.01
N VAL A 371 16.75 -22.38 -31.61
CA VAL A 371 16.51 -23.45 -32.59
C VAL A 371 15.29 -24.23 -32.16
N ASN A 372 14.25 -24.22 -33.01
CA ASN A 372 12.97 -24.87 -32.72
C ASN A 372 12.32 -24.25 -31.48
N GLY A 373 12.41 -22.93 -31.39
CA GLY A 373 11.77 -22.21 -30.32
C GLY A 373 12.54 -22.19 -29.01
N LEU A 374 13.54 -23.07 -28.85
CA LEU A 374 14.29 -23.21 -27.62
C LEU A 374 15.51 -22.30 -27.64
N THR A 375 15.70 -21.52 -26.57
CA THR A 375 16.98 -20.84 -26.38
C THR A 375 17.82 -21.48 -25.29
N PHE A 376 17.47 -22.69 -24.86
CA PHE A 376 18.31 -23.44 -23.93
C PHE A 376 18.16 -24.93 -24.25
N ASN A 377 19.26 -25.67 -24.10
CA ASN A 377 19.18 -27.12 -24.05
C ASN A 377 18.44 -27.58 -22.79
N TRP A 378 17.13 -27.29 -22.75
CA TRP A 378 16.34 -27.63 -21.58
C TRP A 378 16.46 -29.11 -21.24
N SER A 379 16.19 -29.98 -22.21
CA SER A 379 16.33 -31.43 -21.97
C SER A 379 17.65 -31.76 -21.26
N GLY A 380 18.75 -31.11 -21.64
CA GLY A 380 20.03 -31.45 -21.06
C GLY A 380 20.11 -31.14 -19.57
N MET A 381 19.58 -29.98 -19.16
CA MET A 381 19.59 -29.61 -17.74
C MET A 381 18.64 -30.48 -16.91
N TRP A 382 17.43 -30.74 -17.42
CA TRP A 382 16.60 -31.69 -16.70
C TRP A 382 17.33 -33.01 -16.56
N THR A 383 18.16 -33.36 -17.52
CA THR A 383 18.80 -34.65 -17.41
C THR A 383 19.92 -34.65 -16.38
N PHE A 384 20.64 -33.53 -16.33
CA PHE A 384 21.61 -33.33 -15.26
C PHE A 384 20.98 -33.56 -13.92
N GLY A 385 19.83 -32.88 -13.70
CA GLY A 385 19.19 -32.90 -12.39
C GLY A 385 18.58 -34.25 -12.06
N ALA A 386 17.94 -34.89 -13.04
CA ALA A 386 17.42 -36.23 -12.82
C ALA A 386 18.53 -37.22 -12.47
N VAL A 387 19.68 -37.17 -13.17
CA VAL A 387 20.80 -38.04 -12.84
C VAL A 387 21.29 -37.79 -11.41
N MET A 388 21.42 -36.51 -11.03
CA MET A 388 21.93 -36.21 -9.70
C MET A 388 20.96 -36.64 -8.61
N ILE A 389 19.67 -36.45 -8.84
CA ILE A 389 18.67 -37.02 -7.93
C ILE A 389 18.84 -38.52 -7.81
N ALA A 390 19.08 -39.20 -8.94
CA ALA A 390 19.27 -40.64 -8.87
C ALA A 390 20.38 -41.00 -7.90
N ILE A 391 21.53 -40.33 -8.03
CA ILE A 391 22.69 -40.85 -7.30
C ILE A 391 22.73 -40.34 -5.86
N ILE A 392 22.09 -39.19 -5.56
CA ILE A 392 21.87 -38.90 -4.14
C ILE A 392 20.86 -39.88 -3.55
N ALA A 393 19.92 -40.34 -4.37
CA ALA A 393 18.87 -41.24 -3.90
C ALA A 393 19.44 -42.59 -3.50
N VAL A 394 20.33 -43.13 -4.32
CA VAL A 394 20.87 -44.45 -3.96
C VAL A 394 21.64 -44.36 -2.64
N LEU A 395 22.48 -43.31 -2.49
CA LEU A 395 23.19 -43.12 -1.23
C LEU A 395 22.23 -43.19 -0.06
N PHE A 396 21.14 -42.42 -0.12
CA PHE A 396 20.19 -42.46 0.97
C PHE A 396 19.59 -43.85 1.14
N MET A 397 19.42 -44.58 0.03
CA MET A 397 18.89 -45.94 0.15
C MET A 397 19.81 -46.80 1.00
N ILE A 398 21.13 -46.66 0.83
CA ILE A 398 22.04 -47.58 1.52
C ILE A 398 22.64 -46.96 2.79
N PHE A 399 22.90 -45.64 2.78
CA PHE A 399 23.50 -44.94 3.93
C PHE A 399 22.54 -44.66 5.07
N PHE A 400 21.31 -45.16 5.00
CA PHE A 400 20.34 -44.76 6.05
C PHE A 400 19.22 -45.78 6.17
N ARG A 401 18.83 -46.13 7.40
CA ARG A 401 17.73 -47.10 7.52
C ARG A 401 17.08 -46.94 8.90
N GLU A 402 15.85 -47.44 9.05
CA GLU A 402 15.03 -47.05 10.22
C GLU A 402 13.81 -47.96 10.36
N SER A 403 13.26 -47.98 11.59
CA SER A 403 12.04 -48.68 12.07
C SER A 403 11.89 -48.35 13.56
N MET B 1 -13.18 2.73 -17.97
CA MET B 1 -12.00 2.36 -18.74
C MET B 1 -11.84 3.19 -20.01
N LYS B 2 -11.99 4.51 -19.88
CA LYS B 2 -11.65 5.44 -20.94
C LYS B 2 -10.82 6.57 -20.33
N THR B 3 -9.83 7.05 -21.08
CA THR B 3 -9.01 8.19 -20.62
C THR B 3 -9.89 9.32 -20.12
N THR B 4 -11.02 9.54 -20.81
CA THR B 4 -11.98 10.57 -20.44
C THR B 4 -12.38 10.47 -18.96
N ALA B 5 -12.72 9.25 -18.49
CA ALA B 5 -13.29 9.09 -17.16
C ALA B 5 -12.30 8.56 -16.11
N LYS B 6 -11.21 7.91 -16.58
CA LYS B 6 -10.20 7.37 -15.68
C LYS B 6 -9.62 8.48 -14.80
N LEU B 7 -9.36 9.65 -15.39
CA LEU B 7 -8.85 10.79 -14.63
C LEU B 7 -9.85 11.29 -13.62
N SER B 8 -11.13 11.26 -13.97
CA SER B 8 -12.16 11.69 -13.05
C SER B 8 -12.15 10.83 -11.80
N PHE B 9 -12.07 9.51 -11.97
CA PHE B 9 -11.95 8.67 -10.79
C PHE B 9 -10.67 9.01 -10.02
N MET B 10 -9.58 9.29 -10.74
CA MET B 10 -8.31 9.62 -10.07
C MET B 10 -8.47 10.83 -9.16
N MET B 11 -8.97 11.94 -9.69
CA MET B 11 -9.17 13.15 -8.88
C MET B 11 -10.12 12.90 -7.72
N PHE B 12 -11.23 12.19 -7.99
CA PHE B 12 -12.17 11.80 -6.95
C PHE B 12 -11.45 11.21 -5.74
N VAL B 13 -10.80 10.05 -5.95
CA VAL B 13 -10.15 9.39 -4.82
C VAL B 13 -9.07 10.28 -4.21
N GLU B 14 -8.38 11.05 -5.05
CA GLU B 14 -7.23 11.80 -4.57
C GLU B 14 -7.61 12.80 -3.51
N TRP B 15 -8.73 13.48 -3.69
CA TRP B 15 -9.12 14.40 -2.64
C TRP B 15 -10.05 13.75 -1.61
N PHE B 16 -10.68 12.63 -1.98
CA PHE B 16 -11.35 11.77 -1.01
C PHE B 16 -10.42 11.48 0.17
N ILE B 17 -9.14 11.22 -0.14
CA ILE B 17 -8.20 10.81 0.92
C ILE B 17 -7.98 11.94 1.92
N TRP B 18 -7.66 13.16 1.44
CA TRP B 18 -7.49 14.27 2.37
C TRP B 18 -8.75 14.49 3.21
N GLY B 19 -9.94 14.42 2.57
CA GLY B 19 -11.17 14.69 3.29
C GLY B 19 -11.44 13.70 4.42
N ALA B 20 -11.30 12.39 4.11
CA ALA B 20 -11.60 11.33 5.09
C ALA B 20 -11.06 11.66 6.47
N TRP B 21 -9.78 12.00 6.57
CA TRP B 21 -9.21 12.19 7.90
C TRP B 21 -9.19 13.63 8.34
N PHE B 22 -9.25 14.59 7.42
CA PHE B 22 -8.98 15.96 7.85
C PHE B 22 -10.13 16.53 8.69
N VAL B 23 -11.37 16.41 8.21
CA VAL B 23 -12.50 16.94 8.99
C VAL B 23 -12.61 16.28 10.37
N PRO B 24 -12.59 14.96 10.52
CA PRO B 24 -12.87 14.37 11.84
C PRO B 24 -11.73 14.35 12.81
N LEU B 25 -10.51 14.69 12.42
CA LEU B 25 -9.35 14.32 13.24
C LEU B 25 -9.47 14.89 14.66
N TRP B 26 -9.97 16.12 14.77
CA TRP B 26 -10.09 16.75 16.07
C TRP B 26 -10.83 15.85 17.04
N LEU B 27 -11.96 15.29 16.61
CA LEU B 27 -12.79 14.52 17.54
C LEU B 27 -11.98 13.39 18.16
N TRP B 28 -11.32 12.60 17.32
CA TRP B 28 -10.57 11.47 17.84
C TRP B 28 -9.37 11.91 18.65
N LEU B 29 -8.64 12.91 18.18
CA LEU B 29 -7.44 13.31 18.90
C LEU B 29 -7.81 13.82 20.28
N SER B 30 -8.85 14.65 20.35
CA SER B 30 -9.31 15.20 21.61
C SER B 30 -9.81 14.10 22.52
N LYS B 31 -10.67 13.22 21.99
CA LYS B 31 -11.19 12.06 22.70
C LYS B 31 -10.17 10.96 22.92
N SER B 32 -8.89 11.16 22.60
CA SER B 32 -7.86 10.21 22.99
C SER B 32 -6.83 10.85 23.92
N GLY B 33 -7.18 11.97 24.55
CA GLY B 33 -6.34 12.59 25.54
C GLY B 33 -5.41 13.69 25.05
N PHE B 34 -5.43 14.01 23.76
CA PHE B 34 -4.62 15.10 23.25
C PHE B 34 -5.09 16.43 23.83
N SER B 35 -4.27 17.46 23.63
CA SER B 35 -4.61 18.81 24.06
C SER B 35 -4.80 19.71 22.84
N ALA B 36 -5.36 20.89 23.07
CA ALA B 36 -5.65 21.79 21.96
C ALA B 36 -4.38 22.17 21.21
N GLY B 37 -3.26 22.29 21.93
CA GLY B 37 -1.99 22.60 21.30
C GLY B 37 -1.46 21.45 20.46
N GLU B 38 -1.43 20.24 21.03
CA GLU B 38 -0.97 19.09 20.25
C GLU B 38 -1.82 18.91 19.00
N ILE B 39 -3.11 19.21 19.13
CA ILE B 39 -4.03 19.13 18.00
C ILE B 39 -3.69 20.20 16.97
N GLY B 40 -3.36 21.40 17.45
CA GLY B 40 -2.95 22.46 16.54
C GLY B 40 -1.74 22.06 15.73
N TRP B 41 -0.70 21.53 16.40
CA TRP B 41 0.47 21.00 15.69
C TRP B 41 0.06 19.93 14.68
N SER B 42 -0.89 19.05 15.06
CA SER B 42 -1.32 17.97 14.16
C SER B 42 -1.93 18.51 12.88
N TYR B 43 -2.84 19.47 12.99
CA TYR B 43 -3.38 20.08 11.77
C TYR B 43 -2.30 20.90 11.07
N ALA B 44 -1.29 21.34 11.82
CA ALA B 44 -0.20 22.13 11.25
C ALA B 44 0.70 21.29 10.36
N CYS B 45 0.82 19.99 10.67
CA CYS B 45 1.55 19.05 9.83
C CYS B 45 1.23 19.24 8.35
N THR B 46 -0.06 19.32 8.02
CA THR B 46 -0.43 19.41 6.62
C THR B 46 0.04 20.70 5.99
N ALA B 47 0.02 21.79 6.75
CA ALA B 47 0.50 23.06 6.22
C ALA B 47 2.01 23.01 6.01
N ILE B 48 2.73 22.39 6.94
CA ILE B 48 4.17 22.27 6.77
C ILE B 48 4.48 21.50 5.51
N ALA B 49 3.78 20.38 5.29
CA ALA B 49 3.96 19.63 4.06
C ALA B 49 3.64 20.50 2.85
N ALA B 50 2.56 21.29 2.91
CA ALA B 50 2.29 22.17 1.78
C ALA B 50 3.46 23.13 1.55
N ILE B 51 4.01 23.70 2.64
CA ILE B 51 5.16 24.62 2.58
C ILE B 51 6.35 23.97 1.90
N LEU B 52 6.72 22.76 2.35
CA LEU B 52 7.90 22.03 1.95
C LEU B 52 7.68 21.21 0.70
N SER B 53 6.47 21.19 0.18
CA SER B 53 6.17 20.26 -0.90
C SER B 53 6.75 20.65 -2.25
N PRO B 54 6.79 21.94 -2.62
CA PRO B 54 7.41 22.27 -3.92
C PRO B 54 8.87 21.82 -4.00
N ILE B 55 9.59 21.87 -2.87
CA ILE B 55 10.92 21.27 -2.81
C ILE B 55 10.86 19.82 -3.28
N LEU B 56 9.91 19.07 -2.71
CA LEU B 56 9.78 17.63 -3.02
C LEU B 56 9.27 17.43 -4.44
N VAL B 57 8.51 18.38 -4.99
CA VAL B 57 8.01 18.19 -6.39
C VAL B 57 9.07 18.70 -7.38
N GLY B 58 10.07 19.43 -6.88
CA GLY B 58 11.20 19.91 -7.68
C GLY B 58 12.33 18.90 -7.67
N SER B 59 12.14 17.80 -6.94
CA SER B 59 13.10 16.67 -6.87
C SER B 59 12.38 15.42 -7.39
N ILE B 60 11.05 15.46 -7.48
CA ILE B 60 10.24 14.32 -7.98
C ILE B 60 10.55 14.12 -9.46
N THR B 61 10.46 15.21 -10.24
CA THR B 61 10.53 15.09 -11.69
C THR B 61 11.95 15.22 -12.23
N ASP B 62 12.83 15.94 -11.52
CA ASP B 62 14.22 16.14 -11.95
C ASP B 62 14.96 14.83 -12.21
N ARG B 63 14.49 13.73 -11.62
CA ARG B 63 15.07 12.41 -11.86
C ARG B 63 14.17 11.53 -12.75
N PHE B 64 13.40 12.16 -13.66
CA PHE B 64 12.80 11.51 -14.84
C PHE B 64 11.91 10.33 -14.46
N PHE B 65 11.02 10.54 -13.48
CA PHE B 65 10.05 9.54 -13.09
C PHE B 65 8.68 9.95 -13.63
N SER B 66 7.97 8.99 -14.21
CA SER B 66 6.66 9.29 -14.77
C SER B 66 5.65 9.44 -13.65
N ALA B 67 4.85 10.51 -13.73
CA ALA B 67 3.95 10.89 -12.65
C ALA B 67 3.10 9.72 -12.17
N GLN B 68 2.54 8.90 -13.08
CA GLN B 68 1.64 7.84 -12.63
C GLN B 68 2.39 6.78 -11.78
N LYS B 69 3.61 6.39 -12.18
CA LYS B 69 4.38 5.43 -11.40
C LYS B 69 4.75 5.99 -10.02
N VAL B 70 5.26 7.22 -9.98
CA VAL B 70 5.67 7.76 -8.70
C VAL B 70 4.45 7.92 -7.80
N LEU B 71 3.29 8.24 -8.39
CA LEU B 71 2.09 8.38 -7.58
C LEU B 71 1.70 7.07 -6.94
N ALA B 72 1.71 6.00 -7.72
CA ALA B 72 1.50 4.68 -7.13
C ALA B 72 2.40 4.46 -5.93
N VAL B 73 3.69 4.79 -6.10
CA VAL B 73 4.63 4.61 -4.98
C VAL B 73 4.24 5.50 -3.79
N LEU B 74 3.81 6.73 -4.06
CA LEU B 74 3.51 7.62 -2.95
C LEU B 74 2.21 7.21 -2.25
N MET B 75 1.20 6.77 -2.99
CA MET B 75 -0.02 6.31 -2.35
C MET B 75 0.25 5.10 -1.45
N PHE B 76 1.04 4.14 -1.95
CA PHE B 76 1.41 3.02 -1.08
C PHE B 76 2.13 3.52 0.18
N ALA B 77 3.10 4.42 0.02
CA ALA B 77 3.82 4.94 1.18
C ALA B 77 2.86 5.60 2.16
N GLY B 78 1.84 6.28 1.63
CA GLY B 78 0.90 6.99 2.50
C GLY B 78 -0.05 6.05 3.23
N ALA B 79 -0.49 4.99 2.54
CA ALA B 79 -1.25 3.94 3.21
C ALA B 79 -0.50 3.44 4.43
N LEU B 80 0.77 3.06 4.24
CA LEU B 80 1.56 2.52 5.35
C LEU B 80 1.72 3.56 6.47
N LEU B 81 2.10 4.78 6.10
CA LEU B 81 2.35 5.78 7.12
C LEU B 81 1.07 6.14 7.87
N MET B 82 -0.07 6.09 7.18
CA MET B 82 -1.33 6.39 7.83
C MET B 82 -1.76 5.28 8.77
N TYR B 83 -1.53 4.02 8.40
CA TYR B 83 -1.87 2.94 9.33
C TYR B 83 -1.06 3.07 10.61
N PHE B 84 0.26 3.24 10.44
CA PHE B 84 1.11 3.42 11.61
C PHE B 84 0.58 4.56 12.51
N ALA B 85 0.45 5.78 11.95
CA ALA B 85 -0.14 6.89 12.69
C ALA B 85 -1.46 6.50 13.35
N ALA B 86 -2.31 5.75 12.65
CA ALA B 86 -3.65 5.46 13.17
C ALA B 86 -3.59 4.57 14.40
N GLN B 87 -2.53 3.75 14.53
CA GLN B 87 -2.37 2.91 15.71
C GLN B 87 -1.59 3.59 16.85
N GLN B 88 -1.42 4.91 16.80
CA GLN B 88 -0.62 5.67 17.75
C GLN B 88 -1.46 6.11 18.94
N THR B 89 -0.89 6.06 20.15
CA THR B 89 -1.65 6.31 21.38
C THR B 89 -1.35 7.67 22.01
N THR B 90 -0.23 8.31 21.67
CA THR B 90 0.16 9.61 22.20
C THR B 90 0.67 10.49 21.07
N PHE B 91 0.64 11.80 21.31
CA PHE B 91 1.13 12.79 20.35
C PHE B 91 2.58 12.50 19.94
N ALA B 92 3.42 12.05 20.87
CA ALA B 92 4.84 11.89 20.55
C ALA B 92 5.05 10.80 19.52
N GLY B 93 4.26 9.74 19.58
CA GLY B 93 4.32 8.75 18.52
C GLY B 93 3.49 9.15 17.31
N PHE B 94 2.43 9.95 17.52
CA PHE B 94 1.48 10.18 16.44
C PHE B 94 1.99 11.25 15.47
N PHE B 95 2.54 12.33 16.01
CA PHE B 95 2.96 13.48 15.19
C PHE B 95 3.96 13.12 14.08
N PRO B 96 5.08 12.46 14.36
CA PRO B 96 6.08 12.24 13.29
C PRO B 96 5.52 11.49 12.09
N LEU B 97 4.69 10.46 12.34
CA LEU B 97 4.08 9.69 11.26
C LEU B 97 3.06 10.50 10.49
N LEU B 98 2.31 11.36 11.18
CA LEU B 98 1.44 12.26 10.43
C LEU B 98 2.25 13.16 9.51
N LEU B 99 3.30 13.78 10.04
CA LEU B 99 4.14 14.64 9.23
C LEU B 99 4.72 13.89 8.03
N ALA B 100 5.12 12.63 8.25
CA ALA B 100 5.64 11.82 7.14
C ALA B 100 4.55 11.52 6.12
N TYR B 101 3.39 11.06 6.58
CA TYR B 101 2.27 10.85 5.67
C TYR B 101 2.03 12.10 4.84
N SER B 102 1.89 13.25 5.51
CA SER B 102 1.53 14.48 4.81
C SER B 102 2.58 14.85 3.78
N LEU B 103 3.84 14.56 4.10
CA LEU B 103 4.87 14.88 3.14
C LEU B 103 4.78 13.95 1.96
N THR B 104 4.38 12.70 2.20
CA THR B 104 4.15 11.82 1.06
C THR B 104 2.97 12.31 0.27
N TYR B 105 1.96 12.84 0.93
CA TYR B 105 0.69 13.08 0.25
C TYR B 105 0.76 14.35 -0.59
N MET B 106 1.25 15.44 -0.05
CA MET B 106 0.83 16.62 -0.79
C MET B 106 1.65 16.88 -2.05
N PRO B 107 2.74 16.16 -2.31
CA PRO B 107 3.17 16.10 -3.70
C PRO B 107 2.18 15.38 -4.62
N THR B 108 1.39 14.42 -4.09
CA THR B 108 0.37 13.73 -4.88
C THR B 108 -0.55 14.72 -5.58
N ILE B 109 -0.90 15.82 -4.90
CA ILE B 109 -1.89 16.75 -5.43
C ILE B 109 -1.39 17.33 -6.74
N ALA B 110 -0.22 17.95 -6.71
CA ALA B 110 0.45 18.41 -7.93
C ALA B 110 0.53 17.29 -8.96
N LEU B 111 1.12 16.15 -8.58
CA LEU B 111 1.22 15.03 -9.51
C LEU B 111 -0.11 14.74 -10.21
N THR B 112 -1.21 14.63 -9.44
CA THR B 112 -2.47 14.23 -10.05
C THR B 112 -2.98 15.32 -10.95
N ASN B 113 -2.67 16.58 -10.64
CA ASN B 113 -3.01 17.64 -11.57
C ASN B 113 -2.17 17.56 -12.85
N SER B 114 -0.90 17.18 -12.73
CA SER B 114 -0.06 16.95 -13.91
C SER B 114 -0.64 15.84 -14.78
N ILE B 115 -0.91 14.69 -14.17
CA ILE B 115 -1.43 13.54 -14.91
C ILE B 115 -2.74 13.89 -15.56
N ALA B 116 -3.60 14.62 -14.85
CA ALA B 116 -4.86 15.03 -15.46
C ALA B 116 -4.62 15.98 -16.63
N PHE B 117 -3.81 17.02 -16.43
CA PHE B 117 -3.60 18.03 -17.47
C PHE B 117 -3.05 17.41 -18.75
N ALA B 118 -2.06 16.52 -18.62
CA ALA B 118 -1.40 15.97 -19.79
C ALA B 118 -2.37 15.24 -20.72
N ASN B 119 -3.30 14.47 -20.17
CA ASN B 119 -3.99 13.45 -20.94
C ASN B 119 -5.47 13.77 -21.19
N VAL B 120 -5.83 15.05 -21.18
CA VAL B 120 -7.11 15.50 -21.72
C VAL B 120 -6.84 16.26 -23.03
N PRO B 121 -7.63 16.01 -24.11
CA PRO B 121 -7.34 16.66 -25.40
C PRO B 121 -7.48 18.19 -25.38
N ASP B 122 -8.63 18.68 -24.94
CA ASP B 122 -8.87 20.12 -24.80
C ASP B 122 -8.76 20.46 -23.31
N VAL B 123 -7.73 21.22 -22.96
CA VAL B 123 -7.44 21.42 -21.55
C VAL B 123 -8.38 22.46 -20.93
N GLU B 124 -8.78 23.49 -21.69
CA GLU B 124 -9.70 24.46 -21.10
C GLU B 124 -11.14 24.01 -21.14
N ARG B 125 -11.47 23.07 -22.01
CA ARG B 125 -12.78 22.42 -21.92
C ARG B 125 -12.81 21.45 -20.75
N ASP B 126 -11.85 20.52 -20.69
CA ASP B 126 -11.99 19.32 -19.86
C ASP B 126 -11.20 19.36 -18.56
N PHE B 127 -10.32 20.35 -18.34
CA PHE B 127 -9.67 20.48 -17.04
C PHE B 127 -10.65 20.86 -15.94
N PRO B 128 -11.48 21.90 -16.06
CA PRO B 128 -12.46 22.19 -15.00
C PRO B 128 -13.27 20.98 -14.57
N ARG B 129 -13.64 20.15 -15.55
CA ARG B 129 -14.39 18.93 -15.25
C ARG B 129 -13.63 18.01 -14.33
N ILE B 130 -12.31 17.88 -14.51
CA ILE B 130 -11.55 17.04 -13.59
C ILE B 130 -11.34 17.77 -12.25
N ARG B 131 -11.29 19.11 -12.27
CA ARG B 131 -11.08 19.86 -11.02
C ARG B 131 -12.26 19.74 -10.06
N VAL B 132 -13.49 19.72 -10.59
CA VAL B 132 -14.64 19.59 -9.68
C VAL B 132 -14.65 18.23 -9.01
N MET B 133 -14.17 17.19 -9.71
CA MET B 133 -14.19 15.82 -9.18
C MET B 133 -13.39 15.69 -7.89
N GLY B 134 -12.40 16.57 -7.68
CA GLY B 134 -11.67 16.52 -6.43
C GLY B 134 -12.53 16.96 -5.26
N THR B 135 -13.22 18.09 -5.43
CA THR B 135 -14.12 18.52 -4.37
C THR B 135 -15.29 17.56 -4.21
N ILE B 136 -15.81 17.00 -5.31
CA ILE B 136 -16.86 15.99 -5.21
C ILE B 136 -16.39 14.79 -4.39
N GLY B 137 -15.14 14.35 -4.58
CA GLY B 137 -14.62 13.28 -3.74
C GLY B 137 -14.48 13.71 -2.27
N TRP B 138 -14.11 14.97 -2.05
CA TRP B 138 -14.04 15.45 -0.68
C TRP B 138 -15.42 15.39 -0.03
N ILE B 139 -16.42 15.79 -0.80
CA ILE B 139 -17.82 15.61 -0.43
C ILE B 139 -18.08 14.15 -0.09
N ALA B 140 -17.61 13.26 -0.96
CA ALA B 140 -17.88 11.85 -0.78
C ALA B 140 -17.30 11.34 0.53
N SER B 141 -16.13 11.83 0.91
CA SER B 141 -15.50 11.42 2.16
C SER B 141 -16.33 11.88 3.34
N GLY B 142 -16.65 13.18 3.37
CA GLY B 142 -17.58 13.69 4.36
C GLY B 142 -18.79 12.79 4.53
N LEU B 143 -19.55 12.60 3.47
CA LEU B 143 -20.76 11.79 3.55
C LEU B 143 -20.43 10.39 4.05
N ALA B 144 -19.52 9.70 3.38
CA ALA B 144 -19.21 8.33 3.73
C ALA B 144 -18.83 8.20 5.20
N CYS B 145 -18.22 9.25 5.77
CA CYS B 145 -17.69 9.16 7.12
C CYS B 145 -18.70 9.53 8.19
N GLY B 146 -19.52 10.56 7.95
CA GLY B 146 -20.49 11.00 8.95
C GLY B 146 -21.92 10.58 8.72
N PHE B 147 -22.15 9.80 7.70
CA PHE B 147 -23.49 9.28 7.41
C PHE B 147 -23.50 7.76 7.21
N LEU B 148 -22.58 7.21 6.41
CA LEU B 148 -22.66 5.79 6.07
C LEU B 148 -22.51 4.83 7.25
N PRO B 149 -21.68 5.08 8.27
CA PRO B 149 -21.57 4.08 9.35
C PRO B 149 -22.83 3.94 10.20
N GLN B 150 -23.69 4.95 10.24
CA GLN B 150 -24.94 4.81 11.01
C GLN B 150 -25.90 3.91 10.24
N ILE B 151 -25.84 4.02 8.92
CA ILE B 151 -26.71 3.27 7.99
C ILE B 151 -26.45 1.77 8.17
N LEU B 152 -25.23 1.37 8.49
CA LEU B 152 -24.84 -0.01 8.64
C LEU B 152 -24.98 -0.49 10.07
N GLY B 153 -25.46 0.37 10.96
CA GLY B 153 -25.74 -0.03 12.33
C GLY B 153 -24.69 0.33 13.33
N TYR B 154 -23.66 1.07 12.91
CA TYR B 154 -22.54 1.43 13.76
C TYR B 154 -22.72 2.85 14.24
N ALA B 155 -22.20 3.11 15.44
CA ALA B 155 -22.16 4.45 15.97
C ALA B 155 -21.09 5.29 15.25
N ASP B 156 -21.24 6.62 15.42
CA ASP B 156 -20.31 7.62 14.88
C ASP B 156 -18.88 7.14 14.92
N ILE B 157 -18.17 7.30 13.80
CA ILE B 157 -16.75 7.02 13.78
C ILE B 157 -15.89 8.26 14.02
N SER B 158 -16.45 9.46 13.85
CA SER B 158 -15.63 10.66 13.99
C SER B 158 -14.80 10.65 15.27
N PRO B 159 -15.31 10.26 16.44
CA PRO B 159 -14.41 10.09 17.58
C PRO B 159 -13.43 8.90 17.50
N THR B 160 -13.56 7.96 16.61
CA THR B 160 -12.53 6.94 16.61
C THR B 160 -11.49 7.20 15.51
N ASN B 161 -10.66 6.20 15.24
CA ASN B 161 -9.58 6.45 14.31
C ASN B 161 -10.12 6.31 12.88
N ILE B 162 -11.22 5.54 12.68
CA ILE B 162 -11.61 4.89 11.44
C ILE B 162 -11.45 5.81 10.23
N PRO B 163 -11.87 7.09 10.28
CA PRO B 163 -11.39 8.05 9.27
C PRO B 163 -9.96 7.82 8.84
N LEU B 164 -9.07 7.64 9.81
CA LEU B 164 -7.65 7.39 9.55
C LEU B 164 -7.44 6.12 8.73
N LEU B 165 -8.24 5.08 9.01
CA LEU B 165 -8.13 3.80 8.30
C LEU B 165 -8.77 3.87 6.92
N ILE B 166 -9.84 4.66 6.81
CA ILE B 166 -10.52 4.94 5.55
C ILE B 166 -9.55 5.62 4.60
N THR B 167 -8.83 6.63 5.13
CA THR B 167 -7.72 7.26 4.43
C THR B 167 -6.72 6.23 3.95
N ALA B 168 -6.16 5.41 4.87
CA ALA B 168 -5.25 4.36 4.41
C ALA B 168 -5.83 3.58 3.23
N GLY B 169 -7.02 3.01 3.40
CA GLY B 169 -7.62 2.18 2.35
C GLY B 169 -7.72 2.87 1.01
N SER B 170 -8.21 4.12 0.98
CA SER B 170 -8.32 4.85 -0.27
C SER B 170 -6.93 5.17 -0.86
N SER B 171 -5.95 5.44 0.01
CA SER B 171 -4.58 5.59 -0.45
C SER B 171 -4.15 4.34 -1.19
N ALA B 172 -4.37 3.18 -0.57
CA ALA B 172 -4.02 1.92 -1.21
C ALA B 172 -4.79 1.74 -2.51
N LEU B 173 -6.06 2.16 -2.55
CA LEU B 173 -6.86 1.96 -3.75
C LEU B 173 -6.32 2.81 -4.91
N LEU B 174 -6.25 4.12 -4.71
CA LEU B 174 -5.70 5.00 -5.73
C LEU B 174 -4.31 4.57 -6.12
N GLY B 175 -3.53 4.07 -5.16
CA GLY B 175 -2.26 3.49 -5.52
C GLY B 175 -2.40 2.41 -6.58
N VAL B 176 -3.18 1.38 -6.30
CA VAL B 176 -3.34 0.32 -7.29
C VAL B 176 -3.94 0.85 -8.58
N PHE B 177 -4.88 1.79 -8.50
CA PHE B 177 -5.52 2.37 -9.68
C PHE B 177 -4.53 3.15 -10.54
N ALA B 178 -3.37 3.50 -9.98
CA ALA B 178 -2.32 4.16 -10.73
C ALA B 178 -1.67 3.24 -11.76
N PHE B 179 -1.86 1.92 -11.66
CA PHE B 179 -1.33 1.04 -12.71
C PHE B 179 -2.01 1.31 -14.04
N PHE B 180 -3.34 1.39 -14.02
CA PHE B 180 -4.18 1.62 -15.20
C PHE B 180 -4.13 3.07 -15.67
N LEU B 181 -3.25 3.89 -15.09
CA LEU B 181 -3.28 5.30 -15.49
C LEU B 181 -2.39 5.56 -16.70
N PRO B 182 -2.81 6.49 -17.56
CA PRO B 182 -2.04 6.81 -18.77
C PRO B 182 -0.71 7.47 -18.44
N ASP B 183 0.21 7.45 -19.42
CA ASP B 183 1.61 7.82 -19.19
C ASP B 183 1.84 9.33 -19.27
N THR B 184 2.44 9.88 -18.22
CA THR B 184 2.66 11.33 -18.08
C THR B 184 4.12 11.53 -17.70
N PRO B 185 4.93 12.13 -18.56
CA PRO B 185 6.33 12.34 -18.23
C PRO B 185 6.49 13.54 -17.31
N PRO B 186 7.73 13.82 -16.86
CA PRO B 186 8.06 15.02 -16.09
C PRO B 186 8.62 16.16 -16.92
N ASP B 193 17.24 23.46 -11.13
CA ASP B 193 17.19 22.93 -9.77
C ASP B 193 17.60 24.02 -8.75
N ILE B 194 16.78 25.06 -8.63
CA ILE B 194 17.03 26.17 -7.72
C ILE B 194 15.84 26.33 -6.78
N LYS B 195 16.08 26.15 -5.48
CA LYS B 195 15.06 26.21 -4.40
C LYS B 195 14.48 27.61 -4.34
N VAL B 196 15.28 28.60 -4.74
CA VAL B 196 14.95 30.05 -4.75
C VAL B 196 13.79 30.37 -5.72
N MET B 197 13.63 29.56 -6.77
CA MET B 197 12.69 29.81 -7.89
C MET B 197 11.26 30.03 -7.42
N LEU B 198 10.80 29.31 -6.41
CA LEU B 198 9.40 29.44 -5.93
C LEU B 198 9.07 30.85 -5.40
N GLY B 199 10.03 31.65 -4.94
CA GLY B 199 9.64 32.95 -4.34
C GLY B 199 10.36 34.18 -4.87
N LEU B 200 11.68 34.16 -4.94
CA LEU B 200 12.45 35.35 -5.33
C LEU B 200 12.02 35.90 -6.68
N ASP B 201 11.63 35.03 -7.62
CA ASP B 201 10.88 35.51 -8.78
C ASP B 201 9.83 36.51 -8.34
N ALA B 202 8.96 36.09 -7.41
CA ALA B 202 7.79 36.85 -6.99
C ALA B 202 8.06 37.82 -5.85
N LEU B 203 9.14 37.62 -5.09
CA LEU B 203 9.43 38.48 -3.94
C LEU B 203 9.55 39.95 -4.37
N ILE B 204 10.20 40.20 -5.51
CA ILE B 204 10.33 41.55 -6.05
C ILE B 204 8.98 42.13 -6.48
N LEU B 205 7.94 41.30 -6.63
CA LEU B 205 6.61 41.80 -6.98
C LEU B 205 5.99 42.63 -5.86
N LEU B 206 6.47 42.47 -4.62
CA LEU B 206 5.84 43.08 -3.44
C LEU B 206 6.00 44.59 -3.39
N ARG B 207 6.89 45.16 -4.21
CA ARG B 207 7.12 46.60 -4.19
C ARG B 207 5.94 47.38 -4.71
N ASP B 208 5.04 46.74 -5.45
CA ASP B 208 3.74 47.36 -5.66
C ASP B 208 3.03 47.40 -4.32
N LYS B 209 2.36 48.52 -4.02
CA LYS B 209 1.80 48.62 -2.69
C LYS B 209 0.51 47.80 -2.55
N ASN B 210 -0.36 47.80 -3.58
CA ASN B 210 -1.54 46.92 -3.56
C ASN B 210 -1.15 45.47 -3.38
N PHE B 211 -0.13 45.02 -4.10
CA PHE B 211 0.29 43.65 -3.99
C PHE B 211 0.79 43.35 -2.58
N LEU B 212 1.47 44.30 -1.95
CA LEU B 212 1.88 44.10 -0.56
C LEU B 212 0.67 44.07 0.35
N VAL B 213 -0.29 44.97 0.14
CA VAL B 213 -1.48 45.05 0.98
C VAL B 213 -2.28 43.75 0.89
N PHE B 214 -2.49 43.28 -0.34
CA PHE B 214 -3.17 42.02 -0.58
C PHE B 214 -2.39 40.86 0.03
N PHE B 215 -1.09 40.78 -0.21
CA PHE B 215 -0.29 39.72 0.36
C PHE B 215 -0.38 39.72 1.88
N PHE B 216 -0.25 40.90 2.49
CA PHE B 216 -0.18 40.98 3.94
C PHE B 216 -1.52 40.70 4.59
N CYS B 217 -2.60 41.26 4.03
CA CYS B 217 -3.92 41.09 4.60
C CYS B 217 -4.55 39.75 4.26
N SER B 218 -4.16 39.08 3.18
CA SER B 218 -4.51 37.67 3.08
C SER B 218 -3.66 36.83 4.02
N PHE B 219 -2.41 37.23 4.30
CA PHE B 219 -1.65 36.51 5.31
C PHE B 219 -2.36 36.57 6.66
N LEU B 220 -2.85 37.74 7.03
CA LEU B 220 -3.63 37.87 8.25
C LEU B 220 -4.91 37.05 8.15
N PHE B 221 -5.63 37.18 7.03
CA PHE B 221 -6.92 36.52 6.83
C PHE B 221 -6.83 35.01 6.97
N ALA B 222 -5.74 34.42 6.52
CA ALA B 222 -5.62 32.96 6.54
C ALA B 222 -5.43 32.40 7.93
N MET B 223 -5.12 33.24 8.93
CA MET B 223 -4.92 32.73 10.29
C MET B 223 -6.24 32.49 11.02
N PRO B 224 -7.17 33.43 11.10
CA PRO B 224 -8.52 33.09 11.55
C PRO B 224 -9.17 32.03 10.69
N LEU B 225 -9.04 32.14 9.37
CA LEU B 225 -9.75 31.25 8.46
C LEU B 225 -9.46 29.78 8.76
N ALA B 226 -8.30 29.48 9.38
CA ALA B 226 -7.91 28.10 9.72
C ALA B 226 -8.70 27.58 10.91
N PHE B 227 -9.29 28.51 11.67
CA PHE B 227 -10.14 28.14 12.80
C PHE B 227 -11.19 27.14 12.37
N TYR B 228 -11.82 27.38 11.20
CA TYR B 228 -12.90 26.51 10.78
C TYR B 228 -12.43 25.09 10.60
N TYR B 229 -11.40 24.90 9.79
CA TYR B 229 -10.93 23.54 9.53
C TYR B 229 -10.53 22.82 10.81
N ILE B 230 -9.96 23.52 11.80
CA ILE B 230 -9.50 22.75 12.96
C ILE B 230 -10.53 22.64 14.07
N PHE B 231 -11.49 23.57 14.19
CA PHE B 231 -12.41 23.57 15.30
C PHE B 231 -13.86 23.34 14.94
N ALA B 232 -14.20 23.28 13.64
CA ALA B 232 -15.62 23.32 13.27
C ALA B 232 -16.33 22.03 13.63
N ASN B 233 -15.77 20.87 13.28
CA ASN B 233 -16.44 19.61 13.55
C ASN B 233 -16.62 19.38 15.05
N GLY B 234 -15.54 19.53 15.81
CA GLY B 234 -15.64 19.46 17.25
C GLY B 234 -16.69 20.39 17.82
N TYR B 235 -16.72 21.65 17.35
CA TYR B 235 -17.73 22.58 17.85
C TYR B 235 -19.12 22.15 17.44
N LEU B 236 -19.33 21.86 16.14
CA LEU B 236 -20.65 21.50 15.63
C LEU B 236 -21.23 20.31 16.39
N THR B 237 -20.43 19.26 16.54
CA THR B 237 -20.90 18.10 17.29
C THR B 237 -21.09 18.42 18.77
N GLU B 238 -20.22 19.25 19.35
CA GLU B 238 -20.38 19.54 20.77
C GLU B 238 -21.55 20.44 21.05
N VAL B 239 -22.02 21.13 20.02
CA VAL B 239 -23.20 21.96 20.04
C VAL B 239 -24.44 21.13 19.76
N GLY B 240 -24.26 19.82 19.55
CA GLY B 240 -25.35 18.88 19.41
C GLY B 240 -25.82 18.62 18.01
N MET B 241 -25.16 19.18 16.99
CA MET B 241 -25.45 18.81 15.61
C MET B 241 -24.89 17.43 15.31
N LYS B 242 -25.77 16.51 14.92
CA LYS B 242 -25.38 15.14 14.63
C LYS B 242 -25.09 15.02 13.13
N ASN B 243 -24.30 14.01 12.79
CA ASN B 243 -23.71 13.89 11.45
C ASN B 243 -22.99 15.17 11.00
N ALA B 244 -22.48 15.97 11.95
CA ALA B 244 -21.84 17.23 11.58
C ALA B 244 -20.80 17.01 10.50
N THR B 245 -19.97 15.97 10.66
CA THR B 245 -18.93 15.77 9.69
C THR B 245 -19.50 15.61 8.28
N GLY B 246 -20.70 15.04 8.16
CA GLY B 246 -21.36 14.97 6.88
C GLY B 246 -22.09 16.25 6.49
N TRP B 247 -22.77 16.89 7.46
CA TRP B 247 -23.46 18.15 7.19
C TRP B 247 -22.52 19.29 6.81
N MET B 248 -21.23 19.16 7.10
CA MET B 248 -20.25 20.18 6.78
C MET B 248 -19.91 20.21 5.31
N THR B 249 -20.30 19.19 4.55
CA THR B 249 -20.08 19.22 3.12
C THR B 249 -20.97 20.23 2.42
N LEU B 250 -22.00 20.72 3.10
CA LEU B 250 -22.78 21.79 2.50
C LEU B 250 -21.90 22.95 2.06
N GLY B 251 -20.84 23.25 2.80
CA GLY B 251 -19.91 24.27 2.35
C GLY B 251 -19.28 23.94 1.00
N GLN B 252 -18.88 22.69 0.82
CA GLN B 252 -18.37 22.21 -0.45
C GLN B 252 -19.41 22.32 -1.57
N PHE B 253 -20.58 21.72 -1.35
CA PHE B 253 -21.69 21.89 -2.29
C PHE B 253 -21.87 23.35 -2.66
N SER B 254 -22.09 24.21 -1.67
CA SER B 254 -22.35 25.61 -1.90
C SER B 254 -21.21 26.29 -2.67
N GLU B 255 -19.97 25.91 -2.41
CA GLU B 255 -18.90 26.42 -3.28
C GLU B 255 -19.18 26.04 -4.72
N ILE B 256 -19.44 24.75 -4.95
CA ILE B 256 -19.64 24.23 -6.31
C ILE B 256 -20.75 25.00 -7.02
N PHE B 257 -21.89 25.16 -6.35
CA PHE B 257 -23.05 25.72 -7.01
C PHE B 257 -22.96 27.25 -7.09
N PHE B 258 -22.37 27.89 -6.08
CA PHE B 258 -22.14 29.32 -6.09
C PHE B 258 -21.08 29.74 -7.10
N MET B 259 -20.27 28.80 -7.59
CA MET B 259 -19.33 29.13 -8.66
C MET B 259 -20.06 29.74 -9.86
N LEU B 260 -21.28 29.28 -10.15
CA LEU B 260 -21.98 29.78 -11.33
C LEU B 260 -22.42 31.24 -11.16
N ALA B 261 -22.68 31.66 -9.92
CA ALA B 261 -23.02 33.04 -9.63
C ALA B 261 -21.79 33.91 -9.39
N LEU B 262 -20.63 33.30 -9.28
CA LEU B 262 -19.43 34.09 -9.07
C LEU B 262 -19.08 35.00 -10.25
N PRO B 263 -19.03 34.50 -11.51
CA PRO B 263 -18.53 35.36 -12.61
C PRO B 263 -19.33 36.65 -12.76
N PHE B 264 -20.66 36.55 -12.64
CA PHE B 264 -21.54 37.71 -12.75
C PHE B 264 -21.39 38.62 -11.53
N PHE B 265 -21.10 38.04 -10.37
CA PHE B 265 -20.72 38.84 -9.22
C PHE B 265 -19.41 39.60 -9.47
N THR B 266 -18.38 38.93 -10.01
CA THR B 266 -17.04 39.54 -10.03
C THR B 266 -16.91 40.60 -11.12
N ALA B 267 -17.78 40.57 -12.13
CA ALA B 267 -17.78 41.59 -13.17
C ALA B 267 -18.62 42.82 -12.81
N ARG B 268 -19.39 42.79 -11.72
CA ARG B 268 -20.33 43.88 -11.51
C ARG B 268 -19.84 44.94 -10.52
N PHE B 269 -18.91 44.61 -9.61
CA PHE B 269 -18.28 45.63 -8.74
C PHE B 269 -16.75 45.59 -8.71
N GLY B 270 -16.10 44.65 -9.38
CA GLY B 270 -14.65 44.60 -9.43
C GLY B 270 -14.04 43.68 -8.40
N ILE B 271 -12.76 43.89 -8.11
CA ILE B 271 -12.04 43.00 -7.19
C ILE B 271 -11.95 43.54 -5.77
N LYS B 272 -11.94 44.87 -5.58
CA LYS B 272 -11.98 45.41 -4.23
C LYS B 272 -13.21 44.93 -3.45
N LYS B 273 -14.41 45.25 -3.98
CA LYS B 273 -15.64 44.90 -3.28
C LYS B 273 -15.80 43.39 -3.13
N VAL B 274 -15.48 42.61 -4.18
CA VAL B 274 -15.71 41.16 -4.14
C VAL B 274 -14.66 40.46 -3.26
N LEU B 275 -13.46 41.03 -3.18
CA LEU B 275 -12.49 40.47 -2.24
C LEU B 275 -12.98 40.66 -0.82
N LEU B 276 -13.27 41.91 -0.45
CA LEU B 276 -13.77 42.09 0.92
C LEU B 276 -15.14 41.44 1.13
N LEU B 277 -15.89 41.12 0.08
CA LEU B 277 -17.11 40.34 0.26
C LEU B 277 -16.79 38.92 0.72
N GLY B 278 -15.76 38.31 0.14
CA GLY B 278 -15.22 37.11 0.75
C GLY B 278 -14.93 37.31 2.22
N LEU B 279 -14.21 38.40 2.55
CA LEU B 279 -13.91 38.70 3.95
C LEU B 279 -15.17 38.76 4.81
N VAL B 280 -16.18 39.52 4.36
CA VAL B 280 -17.34 39.86 5.19
C VAL B 280 -18.19 38.63 5.42
N THR B 281 -18.40 37.81 4.37
CA THR B 281 -19.18 36.60 4.60
C THR B 281 -18.45 35.65 5.56
N ALA B 282 -17.12 35.59 5.52
CA ALA B 282 -16.43 34.77 6.51
C ALA B 282 -16.65 35.32 7.92
N ALA B 283 -16.58 36.65 8.05
CA ALA B 283 -16.86 37.25 9.36
C ALA B 283 -18.23 36.85 9.87
N ILE B 284 -19.27 37.16 9.11
CA ILE B 284 -20.61 36.95 9.63
C ILE B 284 -20.89 35.47 9.87
N ARG B 285 -20.36 34.56 9.04
CA ARG B 285 -20.58 33.15 9.35
C ARG B 285 -19.90 32.79 10.68
N TYR B 286 -18.77 33.44 10.99
CA TYR B 286 -18.16 33.22 12.31
C TYR B 286 -19.09 33.71 13.40
N GLY B 287 -19.78 34.82 13.16
CA GLY B 287 -20.79 35.28 14.11
C GLY B 287 -21.91 34.27 14.25
N PHE B 288 -22.36 33.71 13.15
CA PHE B 288 -23.36 32.65 13.25
C PHE B 288 -22.84 31.50 14.13
N PHE B 289 -21.54 31.21 14.03
CA PHE B 289 -20.94 30.18 14.87
C PHE B 289 -20.95 30.60 16.33
N ILE B 290 -20.79 31.90 16.58
CA ILE B 290 -20.78 32.36 17.96
C ILE B 290 -22.16 32.26 18.57
N TYR B 291 -23.24 32.26 17.77
CA TYR B 291 -24.56 32.25 18.39
C TYR B 291 -25.35 30.97 18.18
N GLY B 292 -25.06 30.21 17.14
CA GLY B 292 -25.81 29.00 16.90
C GLY B 292 -25.55 27.97 17.94
N SER B 293 -26.48 27.05 18.02
CA SER B 293 -26.51 25.91 18.93
C SER B 293 -27.67 25.15 18.38
N ALA B 294 -27.96 23.99 18.94
CA ALA B 294 -29.11 23.25 18.47
C ALA B 294 -30.17 23.23 19.50
N ASP B 295 -29.89 23.83 20.61
CA ASP B 295 -30.92 23.81 21.65
C ASP B 295 -32.22 24.35 21.04
N GLU B 296 -32.19 25.45 20.29
CA GLU B 296 -33.43 26.00 19.70
C GLU B 296 -33.36 25.90 18.18
N TYR B 297 -34.50 25.87 17.51
CA TYR B 297 -34.55 25.72 16.05
C TYR B 297 -33.74 26.81 15.36
N PHE B 298 -33.85 28.05 15.83
CA PHE B 298 -33.20 29.16 15.15
C PHE B 298 -31.68 29.07 15.24
N THR B 299 -31.19 28.61 16.40
CA THR B 299 -29.77 28.42 16.58
C THR B 299 -29.34 27.44 15.50
N TYR B 300 -30.05 26.32 15.41
CA TYR B 300 -29.77 25.30 14.39
C TYR B 300 -29.69 25.93 12.99
N ALA B 301 -30.67 26.78 12.65
CA ALA B 301 -30.67 27.43 11.34
C ALA B 301 -29.38 28.24 11.14
N LEU B 302 -28.95 28.95 12.18
CA LEU B 302 -27.66 29.64 12.13
C LEU B 302 -26.53 28.67 11.77
N LEU B 303 -26.49 27.53 12.46
CA LEU B 303 -25.41 26.55 12.23
C LEU B 303 -25.32 26.16 10.76
N PHE B 304 -26.44 25.76 10.18
CA PHE B 304 -26.43 25.35 8.77
C PHE B 304 -26.03 26.51 7.85
N LEU B 305 -26.56 27.71 8.11
CA LEU B 305 -26.21 28.86 7.29
C LEU B 305 -24.72 29.15 7.35
N GLY B 306 -24.10 28.97 8.52
CA GLY B 306 -22.67 29.21 8.63
C GLY B 306 -21.86 28.23 7.81
N ILE B 307 -22.34 26.99 7.72
CA ILE B 307 -21.66 26.04 6.83
C ILE B 307 -21.78 26.48 5.36
N LEU B 308 -22.97 26.92 4.94
CA LEU B 308 -23.15 27.41 3.57
C LEU B 308 -22.24 28.61 3.28
N LEU B 309 -22.15 29.51 4.23
CA LEU B 309 -21.40 30.72 4.00
C LEU B 309 -19.91 30.45 3.99
N HIS B 310 -19.47 29.30 4.51
CA HIS B 310 -18.08 28.89 4.25
C HIS B 310 -17.80 28.85 2.76
N GLY B 311 -18.59 28.07 2.02
CA GLY B 311 -18.35 27.93 0.59
C GLY B 311 -18.48 29.24 -0.16
N VAL B 312 -19.48 30.05 0.23
CA VAL B 312 -19.65 31.34 -0.44
C VAL B 312 -18.40 32.20 -0.24
N SER B 313 -17.96 32.34 1.02
CA SER B 313 -16.77 33.10 1.36
C SER B 313 -15.52 32.57 0.64
N TYR B 314 -15.41 31.25 0.52
CA TYR B 314 -14.26 30.63 -0.14
C TYR B 314 -14.23 31.01 -1.60
N ASP B 315 -15.32 30.76 -2.31
CA ASP B 315 -15.32 31.12 -3.72
C ASP B 315 -14.91 32.57 -3.92
N PHE B 316 -15.70 33.52 -3.37
CA PHE B 316 -15.31 34.93 -3.42
C PHE B 316 -13.81 35.12 -3.30
N TYR B 317 -13.26 34.78 -2.14
CA TYR B 317 -11.88 35.19 -1.88
C TYR B 317 -10.85 34.34 -2.62
N TYR B 318 -10.87 33.03 -2.39
CA TYR B 318 -9.87 32.12 -2.95
C TYR B 318 -9.83 32.13 -4.47
N VAL B 319 -10.93 32.44 -5.15
CA VAL B 319 -10.74 32.38 -6.58
C VAL B 319 -10.50 33.77 -7.15
N THR B 320 -11.14 34.84 -6.63
CA THR B 320 -10.89 36.13 -7.27
C THR B 320 -9.54 36.68 -6.87
N ALA B 321 -8.96 36.14 -5.78
CA ALA B 321 -7.60 36.49 -5.42
C ALA B 321 -6.59 35.92 -6.42
N TYR B 322 -6.73 34.62 -6.72
CA TYR B 322 -5.97 33.99 -7.80
C TYR B 322 -6.12 34.78 -9.09
N ILE B 323 -7.38 35.09 -9.43
CA ILE B 323 -7.66 35.88 -10.62
C ILE B 323 -6.92 37.20 -10.56
N TYR B 324 -6.81 37.77 -9.36
CA TYR B 324 -6.22 39.09 -9.21
C TYR B 324 -4.73 39.05 -9.44
N VAL B 325 -4.05 38.03 -8.94
CA VAL B 325 -2.60 37.98 -9.13
C VAL B 325 -2.28 37.62 -10.59
N ASP B 326 -3.06 36.73 -11.20
CA ASP B 326 -2.86 36.52 -12.64
C ASP B 326 -3.01 37.83 -13.39
N LYS B 327 -4.17 38.48 -13.25
CA LYS B 327 -4.34 39.83 -13.78
C LYS B 327 -3.16 40.74 -13.41
N LYS B 328 -2.60 40.57 -12.22
CA LYS B 328 -1.60 41.49 -11.70
C LYS B 328 -0.17 40.99 -11.84
N ALA B 329 0.05 39.82 -12.43
CA ALA B 329 1.45 39.41 -12.45
C ALA B 329 1.98 39.28 -13.87
N PRO B 330 3.24 39.67 -14.10
CA PRO B 330 3.88 39.41 -15.40
C PRO B 330 3.93 37.93 -15.70
N VAL B 331 3.78 37.61 -16.99
CA VAL B 331 3.20 36.33 -17.39
C VAL B 331 4.15 35.16 -17.15
N HIS B 332 5.46 35.38 -17.19
CA HIS B 332 6.30 34.32 -16.65
C HIS B 332 6.11 34.23 -15.15
N MET B 333 6.17 35.39 -14.47
CA MET B 333 6.19 35.45 -13.01
C MET B 333 4.86 35.17 -12.34
N ARG B 334 3.75 34.98 -13.09
CA ARG B 334 2.46 34.86 -12.43
C ARG B 334 2.36 33.56 -11.62
N THR B 335 2.90 32.47 -12.15
CA THR B 335 2.86 31.20 -11.40
C THR B 335 3.82 31.23 -10.22
N ALA B 336 4.96 31.92 -10.40
CA ALA B 336 5.84 32.16 -9.28
C ALA B 336 5.14 32.98 -8.20
N ALA B 337 4.33 33.94 -8.62
CA ALA B 337 3.57 34.78 -7.70
C ALA B 337 2.55 33.95 -6.93
N GLN B 338 1.78 33.14 -7.65
CA GLN B 338 0.91 32.15 -7.02
C GLN B 338 1.66 31.40 -5.93
N GLY B 339 2.67 30.65 -6.33
CA GLY B 339 3.46 29.89 -5.38
C GLY B 339 3.86 30.70 -4.17
N LEU B 340 4.22 31.99 -4.36
CA LEU B 340 4.68 32.76 -3.19
C LEU B 340 3.53 33.05 -2.23
N ILE B 341 2.39 33.51 -2.75
CA ILE B 341 1.35 33.85 -1.78
C ILE B 341 0.73 32.58 -1.19
N THR B 342 0.55 31.52 -1.98
CA THR B 342 0.14 30.23 -1.41
C THR B 342 1.15 29.65 -0.43
N LEU B 343 2.45 29.97 -0.56
CA LEU B 343 3.42 29.41 0.37
C LEU B 343 3.48 30.17 1.69
N CYS B 344 3.47 31.51 1.67
CA CYS B 344 3.48 32.21 2.95
C CYS B 344 2.07 32.53 3.44
N CYS B 345 1.22 33.13 2.59
CA CYS B 345 -0.13 33.40 3.05
C CYS B 345 -0.81 32.06 3.41
N GLN B 346 -1.19 31.29 2.40
CA GLN B 346 -1.98 30.10 2.65
C GLN B 346 -1.24 29.03 3.46
N GLY B 347 0.08 29.14 3.58
CA GLY B 347 0.90 28.09 4.17
C GLY B 347 1.35 28.48 5.55
N PHE B 348 2.12 29.58 5.62
CA PHE B 348 2.59 30.06 6.91
C PHE B 348 1.42 30.57 7.74
N GLY B 349 0.51 31.35 7.13
CA GLY B 349 -0.67 31.79 7.84
C GLY B 349 -1.47 30.62 8.40
N SER B 350 -1.66 29.57 7.60
CA SER B 350 -2.30 28.37 8.13
C SER B 350 -1.53 27.79 9.30
N LEU B 351 -0.22 27.60 9.15
CA LEU B 351 0.59 27.12 10.25
C LEU B 351 0.31 27.93 11.52
N LEU B 352 0.31 29.25 11.39
CA LEU B 352 0.22 30.07 12.59
C LEU B 352 -1.21 30.16 13.08
N GLY B 353 -2.18 30.05 12.19
CA GLY B 353 -3.55 29.88 12.63
C GLY B 353 -3.75 28.61 13.43
N TYR B 354 -3.39 27.45 12.85
CA TYR B 354 -3.55 26.19 13.57
C TYR B 354 -2.90 26.28 14.93
N ARG B 355 -1.62 26.62 15.01
CA ARG B 355 -0.98 26.52 16.33
C ARG B 355 -1.40 27.63 17.27
N LEU B 356 -1.43 28.88 16.77
CA LEU B 356 -1.98 29.98 17.55
C LEU B 356 -3.29 29.57 18.19
N GLY B 357 -4.24 29.05 17.40
CA GLY B 357 -5.53 28.66 17.96
C GLY B 357 -5.43 27.46 18.89
N GLY B 358 -4.61 26.47 18.54
CA GLY B 358 -4.46 25.32 19.40
C GLY B 358 -4.08 25.69 20.82
N VAL B 359 -2.91 26.32 20.99
CA VAL B 359 -2.54 26.74 22.33
C VAL B 359 -3.39 27.91 22.82
N MET B 360 -4.08 28.65 21.92
CA MET B 360 -4.99 29.68 22.40
C MET B 360 -6.10 29.06 23.22
N MET B 361 -6.77 28.05 22.65
CA MET B 361 -7.80 27.34 23.37
C MET B 361 -7.24 26.54 24.53
N GLU B 362 -6.05 25.97 24.37
CA GLU B 362 -5.45 25.25 25.49
C GLU B 362 -5.30 26.17 26.69
N LYS B 363 -4.74 27.36 26.48
CA LYS B 363 -4.34 28.21 27.59
C LYS B 363 -5.48 29.06 28.12
N MET B 364 -6.39 29.51 27.26
CA MET B 364 -7.37 30.49 27.68
C MET B 364 -8.80 30.14 27.30
N PHE B 365 -9.07 28.91 26.87
CA PHE B 365 -10.44 28.54 26.53
C PHE B 365 -10.84 27.17 27.03
N ALA B 366 -9.90 26.33 27.43
CA ALA B 366 -10.22 25.00 27.94
C ALA B 366 -11.03 25.08 29.23
N TYR B 367 -12.16 24.36 29.25
CA TYR B 367 -12.99 24.23 30.44
C TYR B 367 -12.35 23.21 31.37
N GLN B 368 -12.27 23.55 32.65
CA GLN B 368 -11.80 22.56 33.61
C GLN B 368 -12.67 21.31 33.54
N GLU B 369 -13.98 21.50 33.61
CA GLU B 369 -15.00 20.47 33.66
C GLU B 369 -16.03 20.82 32.60
N PRO B 370 -16.27 19.95 31.62
CA PRO B 370 -17.18 20.32 30.53
C PRO B 370 -18.56 20.59 31.09
N VAL B 371 -19.20 21.63 30.58
CA VAL B 371 -20.54 21.98 31.02
C VAL B 371 -21.40 22.19 29.79
N ASN B 372 -22.61 21.62 29.83
CA ASN B 372 -23.55 21.54 28.70
C ASN B 372 -22.93 20.84 27.51
N GLY B 373 -22.11 19.81 27.77
CA GLY B 373 -21.47 19.06 26.72
C GLY B 373 -20.19 19.67 26.16
N LEU B 374 -19.94 20.96 26.43
CA LEU B 374 -18.82 21.70 25.86
C LEU B 374 -17.60 21.63 26.76
N THR B 375 -16.45 21.22 26.19
CA THR B 375 -15.20 21.29 26.93
C THR B 375 -14.39 22.53 26.58
N PHE B 376 -14.97 23.45 25.82
CA PHE B 376 -14.30 24.69 25.45
C PHE B 376 -15.35 25.79 25.41
N ASN B 377 -14.89 27.04 25.59
CA ASN B 377 -15.73 28.19 25.28
C ASN B 377 -15.66 28.48 23.78
N TRP B 378 -16.30 27.60 23.00
CA TRP B 378 -16.28 27.72 21.54
C TRP B 378 -16.73 29.10 21.11
N SER B 379 -17.92 29.50 21.55
CA SER B 379 -18.46 30.81 21.24
C SER B 379 -17.47 31.94 21.49
N GLY B 380 -16.52 31.74 22.41
CA GLY B 380 -15.49 32.75 22.63
C GLY B 380 -14.45 32.80 21.52
N MET B 381 -13.97 31.62 21.13
CA MET B 381 -13.02 31.55 20.04
C MET B 381 -13.59 32.14 18.76
N TRP B 382 -14.85 31.80 18.46
CA TRP B 382 -15.46 32.37 17.27
C TRP B 382 -15.55 33.89 17.37
N THR B 383 -15.76 34.44 18.56
CA THR B 383 -15.69 35.89 18.69
C THR B 383 -14.31 36.40 18.32
N PHE B 384 -13.27 35.88 19.00
CA PHE B 384 -11.90 36.23 18.68
C PHE B 384 -11.70 36.33 17.18
N GLY B 385 -11.99 35.21 16.51
CA GLY B 385 -11.74 35.09 15.08
C GLY B 385 -12.57 36.07 14.27
N ALA B 386 -13.87 36.18 14.56
CA ALA B 386 -14.77 36.96 13.73
C ALA B 386 -14.38 38.44 13.73
N VAL B 387 -13.98 38.99 14.88
CA VAL B 387 -13.59 40.39 14.75
C VAL B 387 -12.10 40.56 14.42
N MET B 388 -11.27 39.52 14.53
CA MET B 388 -9.98 39.60 13.86
C MET B 388 -10.19 39.80 12.37
N ILE B 389 -11.03 38.95 11.77
CA ILE B 389 -11.51 39.15 10.41
C ILE B 389 -12.01 40.57 10.23
N ALA B 390 -12.75 41.10 11.20
CA ALA B 390 -13.32 42.43 10.98
C ALA B 390 -12.23 43.50 10.89
N ILE B 391 -11.25 43.46 11.80
CA ILE B 391 -10.26 44.54 11.78
C ILE B 391 -9.37 44.40 10.55
N ILE B 392 -9.02 43.17 10.17
CA ILE B 392 -8.28 43.01 8.93
C ILE B 392 -9.15 43.48 7.77
N ALA B 393 -10.46 43.33 7.89
CA ALA B 393 -11.35 43.76 6.82
C ALA B 393 -11.27 45.27 6.64
N VAL B 394 -11.27 46.02 7.72
CA VAL B 394 -11.25 47.48 7.53
C VAL B 394 -9.86 47.96 7.12
N LEU B 395 -8.81 47.42 7.76
CA LEU B 395 -7.44 47.66 7.34
C LEU B 395 -7.30 47.53 5.82
N PHE B 396 -7.83 46.43 5.27
CA PHE B 396 -7.95 46.31 3.83
C PHE B 396 -8.86 47.40 3.27
N MET B 397 -9.93 47.75 3.97
CA MET B 397 -10.96 48.62 3.41
C MET B 397 -10.38 49.91 2.89
N ILE B 398 -9.49 50.54 3.65
CA ILE B 398 -9.01 51.81 3.10
C ILE B 398 -7.69 51.66 2.34
N PHE B 399 -6.89 50.63 2.66
CA PHE B 399 -5.50 50.53 2.22
C PHE B 399 -5.29 49.79 0.89
N PHE B 400 -6.28 49.72 0.01
CA PHE B 400 -6.10 48.91 -1.18
C PHE B 400 -6.92 49.56 -2.30
N ARG B 401 -6.23 49.81 -3.43
CA ARG B 401 -6.82 50.52 -4.60
C ARG B 401 -6.82 49.64 -5.85
N GLU B 402 -7.87 49.78 -6.67
CA GLU B 402 -8.09 48.96 -7.89
C GLU B 402 -8.14 49.86 -9.13
N SER B 403 -8.47 49.28 -10.29
CA SER B 403 -8.61 50.00 -11.58
C SER B 403 -9.61 49.27 -12.48
C18 OLC C . 28.86 -33.60 27.91
C10 OLC C . 24.72 -37.93 22.01
C9 OLC C . 23.60 -37.38 22.42
C17 OLC C . 29.05 -34.87 27.10
C11 OLC C . 25.97 -37.33 22.65
C8 OLC C . 22.19 -37.75 21.99
C24 OLC C . 14.28 -41.36 18.08
C16 OLC C . 27.87 -35.80 27.38
C12 OLC C . 25.74 -37.36 24.17
C7 OLC C . 21.37 -36.79 22.82
C15 OLC C . 27.38 -36.38 26.06
C13 OLC C . 25.35 -35.98 24.70
C6 OLC C . 19.96 -37.34 22.99
C14 OLC C . 26.57 -35.31 25.31
C5 OLC C . 20.06 -38.75 23.55
C4 OLC C . 18.79 -39.50 23.20
C3 OLC C . 18.47 -39.23 21.73
C2 OLC C . 17.16 -39.94 21.35
C21 OLC C . 14.43 -40.34 20.36
C1 OLC C . 16.41 -39.09 20.33
C22 OLC C . 13.53 -40.54 19.13
O19 OLC C . 17.02 -38.44 19.55
O25 OLC C . 13.62 -42.58 17.95
O23 OLC C . 12.38 -41.24 19.47
O20 OLC C . 15.02 -39.07 20.33
C18 OLC D . -9.58 -15.43 -7.18
C10 OLC D . -6.79 -10.22 -13.47
C9 OLC D . -6.67 -9.82 -14.71
C17 OLC D . -9.18 -14.91 -8.56
C11 OLC D . -5.60 -10.25 -12.50
C8 OLC D . -5.30 -9.35 -15.19
C16 OLC D . -9.22 -13.39 -8.50
C12 OLC D . -6.12 -10.37 -11.06
C7 OLC D . -5.44 -8.13 -16.11
C15 OLC D . -8.84 -12.82 -9.88
C13 OLC D . -7.26 -11.39 -11.11
C6 OLC D . -4.85 -8.46 -17.47
C14 OLC D . -7.78 -11.72 -9.71
C5 OLC D . -4.95 -7.20 -18.32
C4 OLC D . -3.84 -7.12 -19.37
C3 OLC D . -3.49 -5.66 -19.65
C18 OLC E . -8.35 -10.79 -3.84
C10 OLC E . -4.43 -6.29 -9.11
C9 OLC E . -3.87 -5.66 -10.14
C17 OLC E . -6.93 -11.01 -4.37
C11 OLC E . -5.07 -7.66 -9.26
C8 OLC E . -3.84 -6.22 -11.55
C16 OLC E . -6.95 -11.22 -5.88
C12 OLC E . -6.09 -7.83 -8.14
C7 OLC E . -3.31 -5.03 -12.34
C15 OLC E . -6.85 -9.89 -6.64
C13 OLC E . -5.44 -7.79 -6.76
C6 OLC E . -2.98 -5.40 -13.79
C14 OLC E . -6.06 -8.83 -5.83
C5 OLC E . -2.27 -4.22 -14.47
C4 OLC E . -2.99 -3.85 -15.76
C3 OLC E . -2.34 -2.58 -16.32
C2 OLC E . -1.13 -2.89 -17.22
C18 OLC F . 8.85 6.63 -7.85
C10 OLC F . 14.24 3.29 -11.06
C9 OLC F . 15.51 3.64 -10.92
C17 OLC F . 9.47 5.71 -8.92
C11 OLC F . 13.64 3.07 -12.46
C8 OLC F . 16.07 3.83 -9.50
C16 OLC F . 8.51 5.37 -10.06
C12 OLC F . 12.37 3.88 -12.68
C7 OLC F . 16.08 2.45 -8.85
C15 OLC F . 9.05 4.14 -10.80
C13 OLC F . 11.22 3.42 -11.79
C6 OLC F . 16.36 2.54 -7.36
C14 OLC F . 10.20 4.54 -11.74
C5 OLC F . 16.64 1.15 -6.80
C4 OLC F . 17.17 1.31 -5.38
C3 OLC F . 16.92 0.07 -4.52
C18 OLC G . 5.72 -2.33 12.12
C10 OLC G . 3.33 1.73 16.51
C9 OLC G . 4.37 2.53 16.76
C17 OLC G . 4.34 -2.89 12.54
C11 OLC G . 2.48 0.93 17.52
C8 OLC G . 5.01 2.88 18.09
C16 OLC G . 3.24 -1.82 12.59
C12 OLC G . 1.70 -0.12 16.72
C7 OLC G . 6.30 3.62 17.73
C15 OLC G . 2.20 -2.16 13.65
C13 OLC G . 2.46 -0.45 15.43
C6 OLC G . 6.03 5.06 17.29
C14 OLC G . 1.55 -0.94 14.31
C5 OLC G . 6.83 5.38 16.02
C4 OLC G . 7.26 6.85 15.95
C3 OLC G . 7.51 7.28 14.50
C2 OLC G . 8.38 6.22 13.79
C1 OLC G . 9.38 6.91 12.87
C18 OLC H . -18.37 30.68 36.89
C10 OLC H . -21.50 31.92 31.66
C9 OLC H . -22.73 31.46 31.85
C17 OLC H . -18.78 31.19 35.51
C11 OLC H . -20.98 32.66 30.42
C8 OLC H . -23.86 31.55 30.84
C24 OLC H . -35.01 28.06 28.71
C16 OLC H . -18.60 32.71 35.43
C12 OLC H . -19.46 32.77 30.52
C7 OLC H . -24.73 30.29 31.00
C15 OLC H . -19.25 33.28 34.15
C13 OLC H . -19.05 33.68 31.70
C6 OLC H . -26.20 30.62 31.32
C14 OLC H . -18.45 32.93 32.89
C5 OLC H . -27.10 30.10 30.21
C4 OLC H . -28.55 30.50 30.48
C3 OLC H . -29.29 29.35 31.20
C2 OLC H . -30.77 29.72 31.30
C21 OLC H . -32.59 28.58 29.31
C1 OLC H . -31.66 28.49 31.53
C22 OLC H . -34.02 29.12 29.23
O19 OLC H . -31.76 28.08 32.65
O25 OLC H . -36.32 28.51 28.85
O23 OLC H . -34.45 29.58 30.48
O20 OLC H . -32.35 27.85 30.48
C10 OLC I . 6.00 27.29 18.90
C9 OLC I . 6.55 26.39 19.69
C11 OLC I . 6.84 28.07 17.88
C8 OLC I . 8.03 26.05 19.70
C24 OLC I . 2.09 23.08 23.43
C7 OLC I . 8.23 24.86 18.77
C6 OLC I . 9.49 24.04 19.11
C5 OLC I . 9.52 23.61 20.57
C4 OLC I . 8.34 22.75 20.96
C3 OLC I . 7.86 23.26 22.30
C2 OLC I . 6.47 23.83 22.08
C21 OLC I . 4.46 22.63 24.20
C1 OLC I . 5.42 22.72 22.02
C22 OLC I . 3.46 23.70 23.72
O19 OLC I . 4.86 22.49 21.00
O25 OLC I . 2.28 21.76 22.96
O23 OLC I . 3.37 24.72 24.69
O20 OLC I . 5.06 21.94 23.13
C10 OLC J . -12.26 1.29 5.92
C9 OLC J . -11.92 0.55 6.97
C11 OLC J . -11.59 1.10 4.59
C8 OLC J . -12.65 0.77 8.31
C12 OLC J . -12.21 2.11 3.60
C7 OLC J . -12.77 -0.56 9.05
C15 OLC J . -11.78 2.67 -0.21
C13 OLC J . -11.73 1.84 2.17
C6 OLC J . -12.42 -0.33 10.52
C14 OLC J . -12.43 2.76 1.17
C5 OLC J . -12.27 -1.66 11.26
C4 OLC J . -11.25 -1.43 12.38
C3 OLC J . -11.93 -0.80 13.60
C2 OLC J . -10.86 -0.41 14.63
C18 OLC K . -19.39 7.24 -1.06
C10 OLC K . -16.48 2.76 4.12
C9 OLC K . -16.88 2.27 5.29
C17 OLC K . -18.04 6.63 -1.40
C11 OLC K . -16.03 4.21 3.96
C8 OLC K . -16.89 3.15 6.52
C16 OLC K . -18.07 5.12 -1.17
C12 OLC K . -16.36 4.69 2.56
C7 OLC K . -17.80 2.49 7.57
C15 OLC K . -16.77 4.61 -0.58
C13 OLC K . -15.99 3.58 1.58
C6 OLC K . -17.10 1.33 8.29
C14 OLC K . -17.03 3.51 0.45
C5 OLC K . -17.77 1.28 9.66
C4 OLC K . -17.31 0.01 10.35
C3 OLC K . -17.22 0.30 11.85
#